data_6TYB
#
_entry.id   6TYB
#
_cell.length_a   197.143
_cell.length_b   197.143
_cell.length_c   178.531
_cell.angle_alpha   90.000
_cell.angle_beta   90.000
_cell.angle_gamma   120.000
#
_symmetry.space_group_name_H-M   'P 65 2 2'
#
loop_
_entity.id
_entity.type
_entity.pdbx_description
1 polymer 'Envelope glycoprotein gp160'
2 polymer 'T-cell surface glycoprotein CD4'
3 polymer 'NEUTRALIZING ANTIBODY ITS90.03 FAB HEAVY CHAIN'
4 polymer 'NEUTRALIZING ANTIBODY ITS90.03 FAB LIGHT CHAIN'
5 branched alpha-D-mannopyranose-(1-3)-[alpha-D-mannopyranose-(1-6)]alpha-D-mannopyranose-(1-6)-[alpha-D-mannopyranose-(1-3)]beta-D-mannopyranose-(1-4)-2-acetamido-2-deoxy-beta-D-glucopyranose-(1-4)-2-acetamido-2-deoxy-beta-D-glucopyranose
6 branched 2-acetamido-2-deoxy-beta-D-glucopyranose-(1-4)-2-acetamido-2-deoxy-beta-D-glucopyranose
7 branched beta-D-mannopyranose-(1-4)-2-acetamido-2-deoxy-beta-D-glucopyranose-(1-4)-2-acetamido-2-deoxy-beta-D-glucopyranose
8 branched alpha-D-mannopyranose-(1-2)-alpha-D-mannopyranose-(1-3)-[alpha-D-mannopyranose-(1-3)-alpha-D-mannopyranose-(1-6)]beta-D-mannopyranose-(1-4)-2-acetamido-2-deoxy-beta-D-glucopyranose-(1-4)-2-acetamido-2-deoxy-beta-D-glucopyranose
9 branched alpha-D-mannopyranose-(1-2)-alpha-D-mannopyranose-(1-3)-[alpha-D-mannopyranose-(1-6)]beta-D-mannopyranose-(1-4)-2-acetamido-2-deoxy-beta-D-glucopyranose-(1-4)-2-acetamido-2-deoxy-beta-D-glucopyranose
10 branched alpha-D-mannopyranose-(1-3)-[alpha-D-mannopyranose-(1-6)]beta-D-mannopyranose-(1-4)-2-acetamido-2-deoxy-beta-D-glucopyranose-(1-4)-2-acetamido-2-deoxy-beta-D-glucopyranose
11 non-polymer 2-acetamido-2-deoxy-beta-D-glucopyranose
12 water water
#
loop_
_entity_poly.entity_id
_entity_poly.type
_entity_poly.pdbx_seq_one_letter_code
_entity_poly.pdbx_strand_id
1 'polypeptide(L)'
;AWRNATIPLFCATKNRDTWGTTQCLPDNGDYSEVALNVTESFDAWNNTVTEQAIEDVWQLFETSIKPCVKLSGSGSVIQE
SCDKHYWDAIRFRYCAPPGYALLRCNDTNYSGFMPKCSKVVVSSCTRMMETQTSTWFGFNGTRAENRTYIYWHGRDNRTI
ISLNKYYNLTMKCRRPGGSGGSGDRPKQAWCWFGGKWKDAIKEVKQTIVKHPRYTGTNNTDKINLTAPGGGDPEVTFMWT
NCRGEFLYCKMNWFLNWVEDRNTANQKPKEQHKRNYVPCHIRQIINTWHKVGKNVYLPPREGDLTCNSTVTSLIANIDWI
DGNQTNITMSAEVAELYRLELGDYKLVEITPGLEVLFQ
;
G
2 'polypeptide(L)'
;KKVVLGKKGDTVELTCNASQKKNTQFHWKNSNQIKILGIQGSFLTKGPSKLSDRADSRKSLWDQGQFSMIIKNLKIEDSD
TYICEVENKKEEVELLVFGLTANSDTHLLEGQSLTLTLESPPGSSPSVKCRSPGGKNIQGGRTISVPQLERQDSGTWTCT
VSQDQKTVEFKIDIVVLAGSGLEVLFQ
;
C
3 'polypeptide(L)'
;EVQLVQSGTEVKRPGESLTISCKTSGYSFSGTWISWVRQMPGKGLEWMGSIYPGDSDTRYHPSFQGHVTISADRSVSTTY
LQWSSLKASDTATYYCARSYEDNYGYYDLFFFFDYWGQGALVTVSSASTKGPSVFPLAPSSKSTSGGTAALGCLVKDYFP
EPVTVSWNSGALTSGVHTFPAVLQSSGLYSLSSVVTVPSSSLGTQTYICNVNHKPSNTKVDKRVEPKSCDKGLEVLFQ
;
H
4 'polypeptide(L)'
;DIQMTQSPSSLSASVGDRVTITCRASQGISTYLAWYQQKPGKAPKLLIYKAYLLQNGVPSRFSGGGSGTDFTLTISSLQP
EDFATYYCQQHNNNPYTFGQGTKVEIKRTVAAPSVFIFPPSDEQLKSGTASVVCLLNNFYPREAKVQWKVDNALQSGNSQ
ESVTEQDSKDSTYSLSSTLTLSKADYEKHKVYACEVTHQGLSSPVTKSFNRGEC
;
L
#
loop_
_chem_comp.id
_chem_comp.type
_chem_comp.name
_chem_comp.formula
BMA D-saccharide, beta linking beta-D-mannopyranose 'C6 H12 O6'
MAN D-saccharide, alpha linking alpha-D-mannopyranose 'C6 H12 O6'
NAG D-saccharide, beta linking 2-acetamido-2-deoxy-beta-D-glucopyranose 'C8 H15 N O6'
#
# COMPACT_ATOMS: atom_id res chain seq x y z
N ALA A 1 -18.97 8.10 -29.52
CA ALA A 1 -19.62 8.16 -28.22
C ALA A 1 -20.21 6.82 -27.88
N TRP A 2 -20.21 6.45 -26.60
CA TRP A 2 -20.59 5.09 -26.25
C TRP A 2 -21.04 5.02 -24.79
N ARG A 3 -21.55 3.83 -24.43
CA ARG A 3 -21.96 3.48 -23.09
C ARG A 3 -21.69 2.00 -22.91
N ASN A 4 -21.42 1.59 -21.65
CA ASN A 4 -21.13 0.18 -21.39
C ASN A 4 -22.31 -0.69 -21.82
N ALA A 5 -21.99 -1.90 -22.28
CA ALA A 5 -22.95 -2.73 -23.00
C ALA A 5 -22.81 -4.20 -22.59
N THR A 6 -23.95 -4.89 -22.56
CA THR A 6 -24.01 -6.33 -22.34
C THR A 6 -24.86 -6.94 -23.45
N ILE A 7 -24.20 -7.53 -24.45
CA ILE A 7 -24.85 -8.10 -25.62
C ILE A 7 -24.00 -9.28 -26.10
N PRO A 8 -24.61 -10.32 -26.66
CA PRO A 8 -23.80 -11.47 -27.11
C PRO A 8 -22.80 -11.06 -28.20
N LEU A 9 -21.58 -11.57 -28.07
CA LEU A 9 -20.54 -11.37 -29.06
C LEU A 9 -20.52 -12.53 -30.05
N PHE A 10 -19.87 -12.31 -31.20
CA PHE A 10 -19.67 -13.31 -32.22
CA PHE A 10 -19.68 -13.37 -32.15
C PHE A 10 -18.21 -13.78 -32.17
N CYS A 11 -17.97 -15.08 -32.33
CA CYS A 11 -16.63 -15.64 -32.28
C CYS A 11 -16.12 -15.91 -33.69
N ALA A 12 -14.79 -15.99 -33.81
CA ALA A 12 -14.14 -16.19 -35.09
C ALA A 12 -12.96 -17.13 -34.93
N THR A 13 -12.80 -18.03 -35.89
CA THR A 13 -11.78 -19.07 -35.86
C THR A 13 -11.04 -19.12 -37.20
N LYS A 14 -9.94 -19.88 -37.22
CA LYS A 14 -9.16 -20.05 -38.44
C LYS A 14 -9.39 -21.38 -39.13
N ASN A 15 -9.93 -22.38 -38.44
CA ASN A 15 -10.08 -23.70 -39.05
C ASN A 15 -11.45 -24.31 -38.82
N ARG A 16 -11.71 -24.86 -37.61
CA ARG A 16 -13.01 -25.54 -37.30
C ARG A 16 -13.97 -24.59 -36.59
N ASP A 17 -15.27 -24.70 -36.85
CA ASP A 17 -16.22 -23.67 -36.38
C ASP A 17 -17.42 -24.09 -35.51
N THR A 18 -17.70 -25.38 -35.30
CA THR A 18 -18.95 -25.72 -34.59
C THR A 18 -18.73 -26.59 -33.35
N TRP A 19 -19.42 -26.27 -32.26
CA TRP A 19 -19.36 -27.08 -31.01
C TRP A 19 -20.55 -26.76 -30.10
N GLY A 20 -21.45 -27.72 -29.90
CA GLY A 20 -22.58 -27.51 -29.00
C GLY A 20 -23.45 -26.38 -29.50
N THR A 21 -23.73 -25.42 -28.61
CA THR A 21 -24.53 -24.26 -28.96
C THR A 21 -23.76 -23.21 -29.75
N THR A 22 -22.44 -23.36 -29.85
CA THR A 22 -21.57 -22.31 -30.40
C THR A 22 -21.29 -22.55 -31.88
N GLN A 23 -21.24 -21.47 -32.64
CA GLN A 23 -20.86 -21.48 -34.05
C GLN A 23 -20.06 -20.22 -34.33
N CYS A 24 -18.87 -20.37 -34.90
CA CYS A 24 -17.99 -19.25 -35.17
C CYS A 24 -17.89 -18.97 -36.67
N LEU A 25 -17.44 -17.76 -36.99
CA LEU A 25 -17.23 -17.29 -38.35
C LEU A 25 -15.74 -17.25 -38.66
N PRO A 26 -15.36 -17.07 -39.92
CA PRO A 26 -13.94 -17.05 -40.26
C PRO A 26 -13.24 -15.81 -39.75
N ASP A 27 -11.99 -15.99 -39.32
CA ASP A 27 -11.17 -14.88 -38.85
C ASP A 27 -10.71 -14.03 -40.03
N ASN A 28 -10.80 -12.70 -39.86
CA ASN A 28 -10.45 -11.77 -40.92
C ASN A 28 -8.97 -11.40 -40.95
N GLY A 29 -8.20 -11.76 -39.93
CA GLY A 29 -6.77 -11.55 -39.93
C GLY A 29 -6.31 -10.19 -39.43
N ASP A 30 -7.23 -9.29 -39.09
CA ASP A 30 -6.87 -7.95 -38.65
C ASP A 30 -6.78 -7.93 -37.12
N TYR A 31 -5.59 -7.63 -36.61
CA TYR A 31 -5.35 -7.53 -35.17
C TYR A 31 -4.91 -6.13 -34.78
N SER A 32 -5.30 -5.13 -35.58
CA SER A 32 -4.92 -3.75 -35.33
C SER A 32 -5.80 -3.13 -34.25
N GLU A 33 -5.27 -2.08 -33.62
CA GLU A 33 -5.98 -1.32 -32.60
C GLU A 33 -5.67 0.15 -32.79
N VAL A 34 -6.60 1.00 -32.34
CA VAL A 34 -6.46 2.45 -32.45
C VAL A 34 -6.50 3.05 -31.06
N ALA A 35 -5.55 3.96 -30.78
CA ALA A 35 -5.48 4.61 -29.48
C ALA A 35 -6.56 5.68 -29.35
N LEU A 36 -7.12 5.80 -28.15
CA LEU A 36 -8.15 6.77 -27.87
C LEU A 36 -7.66 7.78 -26.83
N ASN A 37 -8.33 8.92 -26.79
CA ASN A 37 -8.02 10.01 -25.89
C ASN A 37 -9.11 10.10 -24.83
N VAL A 38 -9.17 9.09 -23.96
CA VAL A 38 -10.29 8.91 -23.05
C VAL A 38 -9.83 8.12 -21.84
N THR A 39 -10.60 8.21 -20.75
CA THR A 39 -10.37 7.48 -19.52
C THR A 39 -11.58 6.57 -19.28
N GLU A 40 -11.31 5.30 -18.99
CA GLU A 40 -12.37 4.31 -18.84
C GLU A 40 -12.03 3.34 -17.71
N SER A 41 -13.05 2.69 -17.19
CA SER A 41 -12.90 1.71 -16.12
C SER A 41 -12.88 0.30 -16.69
N PHE A 42 -11.98 -0.53 -16.17
CA PHE A 42 -11.84 -1.90 -16.62
C PHE A 42 -11.83 -2.84 -15.42
N ASP A 43 -12.30 -4.07 -15.65
CA ASP A 43 -12.42 -5.07 -14.59
C ASP A 43 -12.48 -6.43 -15.26
N ALA A 44 -11.56 -7.33 -14.87
CA ALA A 44 -11.47 -8.61 -15.57
C ALA A 44 -12.56 -9.58 -15.16
N TRP A 45 -13.15 -9.42 -13.98
CA TRP A 45 -14.17 -10.34 -13.48
C TRP A 45 -15.58 -9.85 -13.79
N ASN A 46 -15.86 -8.58 -13.50
CA ASN A 46 -17.16 -7.98 -13.83
C ASN A 46 -17.09 -7.52 -15.29
N ASN A 47 -17.30 -8.48 -16.18
CA ASN A 47 -16.91 -8.32 -17.58
C ASN A 47 -17.68 -9.29 -18.44
N THR A 48 -18.52 -8.78 -19.34
CA THR A 48 -19.31 -9.66 -20.18
C THR A 48 -18.45 -10.42 -21.17
N VAL A 49 -17.29 -9.86 -21.55
CA VAL A 49 -16.42 -10.54 -22.50
C VAL A 49 -15.86 -11.80 -21.89
N THR A 50 -15.35 -11.72 -20.66
CA THR A 50 -14.79 -12.92 -20.02
C THR A 50 -15.89 -13.85 -19.53
N GLU A 51 -17.03 -13.30 -19.11
CA GLU A 51 -18.16 -14.16 -18.72
C GLU A 51 -18.62 -15.03 -19.89
N GLN A 52 -18.74 -14.44 -21.08
CA GLN A 52 -19.11 -15.23 -22.26
C GLN A 52 -18.01 -16.20 -22.64
N ALA A 53 -16.74 -15.78 -22.55
CA ALA A 53 -15.64 -16.68 -22.86
C ALA A 53 -15.70 -17.94 -22.01
N ILE A 54 -16.02 -17.79 -20.72
CA ILE A 54 -16.11 -18.94 -19.83
C ILE A 54 -17.19 -19.90 -20.30
N GLU A 55 -18.33 -19.38 -20.76
CA GLU A 55 -19.41 -20.25 -21.20
C GLU A 55 -19.03 -21.00 -22.48
N ASP A 56 -18.39 -20.32 -23.44
CA ASP A 56 -18.03 -20.99 -24.69
C ASP A 56 -16.93 -22.02 -24.48
N VAL A 57 -16.00 -21.77 -23.56
CA VAL A 57 -14.99 -22.76 -23.24
C VAL A 57 -15.65 -24.00 -22.63
N TRP A 58 -16.67 -23.80 -21.80
CA TRP A 58 -17.41 -24.93 -21.25
C TRP A 58 -18.06 -25.74 -22.37
N GLN A 59 -18.74 -25.07 -23.30
CA GLN A 59 -19.31 -25.77 -24.45
C GLN A 59 -18.23 -26.54 -25.21
N LEU A 60 -17.07 -25.92 -25.42
CA LEU A 60 -15.98 -26.61 -26.08
C LEU A 60 -15.52 -27.83 -25.29
N PHE A 61 -15.47 -27.71 -23.96
CA PHE A 61 -14.91 -28.78 -23.14
C PHE A 61 -15.67 -30.08 -23.32
N GLU A 62 -17.00 -30.02 -23.38
CA GLU A 62 -17.80 -31.24 -23.44
C GLU A 62 -17.93 -31.81 -24.84
N THR A 63 -17.52 -31.08 -25.88
CA THR A 63 -17.55 -31.59 -27.24
C THR A 63 -16.18 -32.00 -27.76
N SER A 64 -15.10 -31.61 -27.09
CA SER A 64 -13.75 -31.94 -27.56
C SER A 64 -13.30 -33.31 -27.07
N ILE A 65 -13.65 -33.68 -25.85
CA ILE A 65 -13.44 -35.02 -25.32
C ILE A 65 -14.81 -35.54 -24.90
N LYS A 66 -15.33 -36.49 -25.66
CA LYS A 66 -16.74 -36.85 -25.56
C LYS A 66 -16.98 -37.80 -24.38
N PRO A 67 -17.78 -37.41 -23.39
CA PRO A 67 -18.10 -38.34 -22.30
C PRO A 67 -19.10 -39.39 -22.71
N CYS A 68 -19.03 -40.53 -22.03
CA CYS A 68 -19.98 -41.61 -22.24
C CYS A 68 -21.18 -41.48 -21.32
N VAL A 69 -20.98 -41.01 -20.09
CA VAL A 69 -22.05 -40.84 -19.13
C VAL A 69 -21.88 -39.50 -18.44
N LYS A 70 -22.96 -38.73 -18.36
CA LYS A 70 -22.99 -37.48 -17.61
C LYS A 70 -23.81 -37.70 -16.35
N LEU A 71 -23.21 -37.44 -15.20
CA LEU A 71 -23.85 -37.62 -13.90
C LEU A 71 -24.00 -36.24 -13.27
N SER A 72 -25.21 -35.69 -13.35
CA SER A 72 -25.48 -34.41 -12.69
C SER A 72 -25.72 -34.61 -11.21
N GLY A 73 -25.29 -33.63 -10.41
CA GLY A 73 -25.58 -33.65 -8.99
C GLY A 73 -27.06 -33.73 -8.68
N SER A 74 -27.91 -33.36 -9.64
CA SER A 74 -29.35 -33.51 -9.45
C SER A 74 -29.74 -34.98 -9.33
N GLY A 75 -29.00 -35.87 -9.98
CA GLY A 75 -29.31 -37.28 -10.01
C GLY A 75 -29.58 -37.84 -11.39
N SER A 76 -29.57 -37.02 -12.44
CA SER A 76 -29.84 -37.53 -13.78
C SER A 76 -28.62 -38.28 -14.31
N VAL A 77 -28.88 -39.44 -14.92
CA VAL A 77 -27.85 -40.25 -15.56
C VAL A 77 -28.14 -40.23 -17.06
N ILE A 78 -27.25 -39.61 -17.83
CA ILE A 78 -27.44 -39.39 -19.25
C ILE A 78 -26.31 -40.06 -20.00
N GLN A 79 -26.66 -41.03 -20.85
CA GLN A 79 -25.68 -41.72 -21.67
C GLN A 79 -25.59 -41.06 -23.04
N GLU A 80 -24.39 -41.12 -23.63
CA GLU A 80 -24.15 -40.49 -24.92
C GLU A 80 -23.14 -41.31 -25.70
N SER A 81 -23.17 -41.15 -27.02
CA SER A 81 -22.20 -41.82 -27.88
C SER A 81 -20.81 -41.25 -27.61
N CYS A 82 -19.82 -42.14 -27.51
CA CYS A 82 -18.46 -41.73 -27.19
C CYS A 82 -17.48 -42.61 -27.94
N ASP A 83 -16.37 -41.99 -28.37
CA ASP A 83 -15.23 -42.69 -28.94
C ASP A 83 -13.98 -41.96 -28.48
N LYS A 84 -12.83 -42.43 -28.93
CA LYS A 84 -11.55 -41.84 -28.54
C LYS A 84 -11.08 -40.78 -29.52
N HIS A 85 -11.92 -40.35 -30.46
CA HIS A 85 -11.56 -39.26 -31.36
C HIS A 85 -11.86 -37.92 -30.66
N TYR A 86 -10.81 -37.15 -30.40
CA TYR A 86 -10.91 -35.92 -29.64
C TYR A 86 -10.44 -34.75 -30.48
N TRP A 87 -11.02 -33.57 -30.21
CA TRP A 87 -10.58 -32.33 -30.82
C TRP A 87 -9.50 -31.68 -29.96
N ASP A 88 -8.41 -31.25 -30.60
CA ASP A 88 -7.41 -30.46 -29.90
C ASP A 88 -8.02 -29.15 -29.39
N ALA A 89 -7.43 -28.60 -28.34
CA ALA A 89 -7.87 -27.31 -27.85
C ALA A 89 -7.58 -26.24 -28.90
N ILE A 90 -8.58 -25.41 -29.17
CA ILE A 90 -8.47 -24.44 -30.25
C ILE A 90 -8.14 -23.06 -29.72
N ARG A 91 -7.94 -22.11 -30.63
CA ARG A 91 -7.91 -20.69 -30.34
C ARG A 91 -9.05 -20.03 -31.10
N PHE A 92 -9.76 -19.13 -30.45
CA PHE A 92 -10.74 -18.31 -31.13
C PHE A 92 -10.67 -16.90 -30.57
N ARG A 93 -11.23 -15.96 -31.32
CA ARG A 93 -11.29 -14.57 -30.93
C ARG A 93 -12.74 -14.13 -30.93
N TYR A 94 -13.02 -13.08 -30.17
CA TYR A 94 -14.35 -12.49 -30.12
C TYR A 94 -14.38 -11.23 -30.97
N CYS A 95 -15.57 -10.90 -31.48
CA CYS A 95 -15.75 -9.76 -32.35
C CYS A 95 -17.02 -9.03 -31.94
N ALA A 96 -16.95 -7.70 -31.87
CA ALA A 96 -18.10 -6.92 -31.46
C ALA A 96 -19.13 -6.87 -32.59
N PRO A 97 -20.41 -7.07 -32.31
CA PRO A 97 -21.43 -6.97 -33.36
C PRO A 97 -21.58 -5.53 -33.84
N PRO A 98 -22.29 -5.32 -34.95
CA PRO A 98 -22.46 -3.95 -35.46
C PRO A 98 -23.10 -3.05 -34.42
N GLY A 99 -22.61 -1.81 -34.35
CA GLY A 99 -23.06 -0.87 -33.35
C GLY A 99 -22.30 -0.93 -32.05
N TYR A 100 -21.31 -1.82 -31.95
CA TYR A 100 -20.56 -2.03 -30.72
C TYR A 100 -19.07 -2.06 -31.06
N ALA A 101 -18.26 -1.88 -30.02
CA ALA A 101 -16.81 -1.89 -30.16
C ALA A 101 -16.20 -2.50 -28.91
N LEU A 102 -14.95 -2.90 -29.03
CA LEU A 102 -14.20 -3.49 -27.93
C LEU A 102 -13.10 -2.52 -27.52
N LEU A 103 -13.16 -2.04 -26.29
CA LEU A 103 -12.08 -1.27 -25.71
C LEU A 103 -11.12 -2.21 -24.99
N ARG A 104 -9.88 -1.77 -24.83
CA ARG A 104 -8.88 -2.56 -24.16
C ARG A 104 -7.94 -1.61 -23.41
N CYS A 105 -7.56 -2.00 -22.20
CA CYS A 105 -6.63 -1.21 -21.40
C CYS A 105 -5.22 -1.64 -21.76
N ASN A 106 -4.53 -0.78 -22.51
CA ASN A 106 -3.19 -1.07 -23.03
C ASN A 106 -2.10 -0.57 -22.10
N ASP A 107 -2.16 -0.99 -20.84
CA ASP A 107 -1.34 -0.44 -19.77
C ASP A 107 -0.70 -1.56 -18.97
N THR A 108 0.62 -1.46 -18.75
CA THR A 108 1.29 -2.45 -17.91
C THR A 108 0.84 -2.38 -16.45
N ASN A 109 0.28 -1.25 -16.03
CA ASN A 109 -0.26 -1.14 -14.68
C ASN A 109 -1.58 -1.90 -14.51
N TYR A 110 -2.18 -2.40 -15.59
CA TYR A 110 -3.44 -3.10 -15.44
C TYR A 110 -3.24 -4.39 -14.67
N SER A 111 -4.01 -4.56 -13.60
CA SER A 111 -3.93 -5.73 -12.73
C SER A 111 -5.28 -6.39 -12.54
N GLY A 112 -6.18 -6.21 -13.51
CA GLY A 112 -7.50 -6.82 -13.45
C GLY A 112 -8.56 -5.97 -12.80
N PHE A 113 -8.18 -4.83 -12.23
CA PHE A 113 -9.15 -3.89 -11.66
C PHE A 113 -8.53 -2.50 -11.78
N MET A 114 -9.15 -1.65 -12.62
CA MET A 114 -8.58 -0.34 -12.93
C MET A 114 -9.72 0.66 -13.12
N PRO A 115 -10.08 1.40 -12.08
CA PRO A 115 -11.13 2.42 -12.24
C PRO A 115 -10.76 3.56 -13.16
N LYS A 116 -9.48 3.76 -13.46
CA LYS A 116 -9.05 4.82 -14.36
C LYS A 116 -7.91 4.29 -15.23
N CYS A 117 -8.22 3.89 -16.46
CA CYS A 117 -7.23 3.58 -17.48
C CYS A 117 -7.26 4.69 -18.53
N SER A 118 -6.11 5.34 -18.73
CA SER A 118 -5.98 6.41 -19.72
C SER A 118 -5.06 6.00 -20.87
N LYS A 119 -4.94 4.69 -21.11
CA LYS A 119 -4.22 4.16 -22.26
C LYS A 119 -5.14 3.16 -22.97
N VAL A 120 -6.31 3.67 -23.35
CA VAL A 120 -7.36 2.86 -23.96
C VAL A 120 -7.12 2.76 -25.46
N VAL A 121 -7.31 1.56 -25.99
CA VAL A 121 -7.31 1.32 -27.42
C VAL A 121 -8.62 0.64 -27.81
N VAL A 122 -9.00 0.81 -29.06
CA VAL A 122 -10.27 0.28 -29.56
C VAL A 122 -9.99 -0.62 -30.75
N SER A 123 -10.90 -1.57 -30.96
CA SER A 123 -10.81 -2.52 -32.07
C SER A 123 -12.18 -3.18 -32.20
N SER A 124 -12.34 -3.95 -33.26
CA SER A 124 -13.58 -4.67 -33.48
C SER A 124 -13.55 -6.08 -32.90
N CYS A 125 -12.37 -6.69 -32.80
CA CYS A 125 -12.23 -8.04 -32.30
C CYS A 125 -11.12 -8.10 -31.26
N THR A 126 -11.08 -9.21 -30.51
CA THR A 126 -10.09 -9.41 -29.47
C THR A 126 -8.88 -10.15 -30.03
N ARG A 127 -7.86 -10.30 -29.19
CA ARG A 127 -6.80 -11.25 -29.47
C ARG A 127 -7.37 -12.67 -29.52
N MET A 128 -6.60 -13.58 -30.09
CA MET A 128 -6.90 -15.00 -29.97
C MET A 128 -6.68 -15.44 -28.52
N MET A 129 -7.58 -16.28 -28.01
CA MET A 129 -7.47 -16.76 -26.64
C MET A 129 -7.34 -18.27 -26.62
N GLU A 130 -6.52 -18.76 -25.69
CA GLU A 130 -6.35 -20.20 -25.48
C GLU A 130 -7.50 -20.76 -24.66
N THR A 131 -8.00 -21.92 -25.06
CA THR A 131 -9.20 -22.50 -24.47
C THR A 131 -8.93 -23.76 -23.65
N GLN A 132 -7.68 -24.15 -23.47
CA GLN A 132 -7.40 -25.36 -22.68
C GLN A 132 -7.86 -25.16 -21.24
N THR A 133 -8.19 -26.27 -20.59
CA THR A 133 -8.73 -26.27 -19.24
C THR A 133 -7.78 -27.03 -18.31
N SER A 134 -7.47 -26.45 -17.16
CA SER A 134 -6.56 -27.07 -16.21
C SER A 134 -6.77 -26.41 -14.86
N THR A 135 -6.19 -27.02 -13.83
CA THR A 135 -6.14 -26.46 -12.49
C THR A 135 -4.67 -26.22 -12.12
N TRP A 136 -4.48 -25.42 -11.07
CA TRP A 136 -3.15 -25.07 -10.56
C TRP A 136 -2.40 -24.14 -11.51
N PHE A 137 -2.08 -24.64 -12.70
CA PHE A 137 -1.30 -23.89 -13.69
C PHE A 137 -2.09 -23.77 -14.98
N GLY A 138 -1.81 -22.73 -15.73
CA GLY A 138 -2.34 -22.54 -17.07
C GLY A 138 -1.26 -22.84 -18.10
N PHE A 139 -1.67 -23.47 -19.19
CA PHE A 139 -0.77 -23.93 -20.22
C PHE A 139 -1.11 -23.30 -21.56
N ASN A 140 -0.07 -23.05 -22.36
CA ASN A 140 -0.23 -22.56 -23.72
C ASN A 140 -0.95 -21.21 -23.79
N GLY A 141 -0.91 -20.43 -22.72
CA GLY A 141 -1.59 -19.15 -22.70
C GLY A 141 -0.99 -18.17 -23.71
N THR A 142 -1.75 -17.11 -23.96
CA THR A 142 -1.37 -16.11 -24.94
C THR A 142 -0.93 -14.79 -24.33
N ARG A 143 -0.87 -14.70 -23.00
CA ARG A 143 -0.64 -13.43 -22.31
C ARG A 143 0.73 -13.31 -21.68
N ALA A 144 1.62 -14.27 -21.90
CA ALA A 144 2.93 -14.21 -21.26
C ALA A 144 3.80 -13.15 -21.92
N GLU A 145 4.51 -12.40 -21.08
CA GLU A 145 5.39 -11.32 -21.51
C GLU A 145 6.69 -11.45 -20.72
N ASN A 146 7.66 -10.59 -21.04
CA ASN A 146 8.92 -10.57 -20.29
C ASN A 146 8.74 -9.76 -18.99
N ARG A 147 7.83 -10.25 -18.16
CA ARG A 147 7.59 -9.69 -16.83
C ARG A 147 6.60 -10.61 -16.13
N THR A 148 6.59 -10.52 -14.81
CA THR A 148 5.58 -11.18 -13.99
C THR A 148 4.53 -10.15 -13.60
N TYR A 149 3.26 -10.48 -13.80
CA TYR A 149 2.19 -9.59 -13.38
C TYR A 149 0.99 -10.40 -12.92
N ILE A 150 0.14 -9.73 -12.14
CA ILE A 150 -0.95 -10.37 -11.41
C ILE A 150 -2.25 -9.70 -11.79
N TYR A 151 -3.26 -10.49 -12.12
CA TYR A 151 -4.64 -10.02 -12.13
C TYR A 151 -5.22 -10.35 -10.76
N TRP A 152 -5.54 -9.32 -9.99
CA TRP A 152 -6.00 -9.46 -8.61
C TRP A 152 -7.46 -9.00 -8.55
N HIS A 153 -8.34 -9.91 -8.16
CA HIS A 153 -9.76 -9.59 -8.06
C HIS A 153 -9.95 -8.30 -7.25
N GLY A 154 -10.73 -7.38 -7.79
CA GLY A 154 -10.94 -6.10 -7.11
C GLY A 154 -11.74 -6.19 -5.83
N ARG A 155 -12.45 -7.31 -5.61
CA ARG A 155 -13.33 -7.46 -4.46
C ARG A 155 -13.04 -8.72 -3.68
N ASP A 156 -11.94 -9.40 -3.97
CA ASP A 156 -11.59 -10.66 -3.33
C ASP A 156 -10.08 -10.82 -3.38
N ASN A 157 -9.58 -11.90 -2.80
CA ASN A 157 -8.18 -12.25 -2.91
C ASN A 157 -7.96 -13.41 -3.89
N ARG A 158 -8.83 -13.51 -4.89
CA ARG A 158 -8.59 -14.39 -6.02
C ARG A 158 -7.62 -13.73 -6.99
N THR A 159 -6.69 -14.52 -7.51
CA THR A 159 -5.71 -14.00 -8.45
C THR A 159 -5.42 -15.06 -9.50
N ILE A 160 -4.87 -14.59 -10.62
CA ILE A 160 -4.20 -15.43 -11.60
C ILE A 160 -2.93 -14.70 -11.99
N ILE A 161 -1.81 -15.40 -11.93
CA ILE A 161 -0.49 -14.79 -12.07
C ILE A 161 0.08 -15.18 -13.43
N SER A 162 0.50 -14.18 -14.19
CA SER A 162 1.14 -14.39 -15.49
C SER A 162 2.64 -14.57 -15.27
N LEU A 163 3.15 -15.73 -15.64
CA LEU A 163 4.56 -16.06 -15.41
C LEU A 163 5.43 -15.44 -16.50
N ASN A 164 6.67 -15.14 -16.14
CA ASN A 164 7.55 -14.38 -17.02
C ASN A 164 8.05 -15.26 -18.17
N LYS A 165 7.81 -14.80 -19.40
CA LYS A 165 8.25 -15.51 -20.59
C LYS A 165 9.76 -15.76 -20.57
N TYR A 166 10.51 -14.91 -19.87
CA TYR A 166 11.96 -15.03 -19.85
C TYR A 166 12.43 -16.38 -19.36
N TYR A 167 11.71 -17.01 -18.43
CA TYR A 167 12.18 -18.23 -17.80
C TYR A 167 11.89 -19.48 -18.59
N ASN A 168 11.20 -19.37 -19.73
CA ASN A 168 10.99 -20.49 -20.64
C ASN A 168 10.39 -21.70 -19.92
N LEU A 169 9.32 -21.45 -19.18
CA LEU A 169 8.68 -22.52 -18.41
C LEU A 169 7.90 -23.45 -19.33
N THR A 170 8.07 -24.76 -19.12
CA THR A 170 7.37 -25.76 -19.92
C THR A 170 6.95 -26.92 -19.05
N MET A 171 6.13 -27.79 -19.63
CA MET A 171 5.74 -29.05 -19.00
C MET A 171 5.65 -30.10 -20.09
N LYS A 172 6.44 -31.17 -19.95
CA LYS A 172 6.38 -32.32 -20.84
C LYS A 172 5.76 -33.48 -20.09
N CYS A 173 4.60 -33.92 -20.55
CA CYS A 173 3.92 -35.08 -19.98
C CYS A 173 4.04 -36.26 -20.95
N ARG A 174 4.27 -37.45 -20.40
CA ARG A 174 4.43 -38.62 -21.23
C ARG A 174 3.88 -39.85 -20.54
N ARG A 175 3.00 -40.57 -21.24
CA ARG A 175 2.54 -41.91 -20.84
C ARG A 175 3.09 -42.90 -21.86
N PRO A 176 4.21 -43.58 -21.59
CA PRO A 176 4.82 -44.44 -22.61
C PRO A 176 3.87 -45.53 -23.08
N GLY A 177 4.20 -46.10 -24.24
CA GLY A 177 3.39 -47.15 -24.80
C GLY A 177 3.71 -48.52 -24.22
N GLY A 178 2.72 -49.41 -24.33
CA GLY A 178 2.87 -50.78 -23.87
C GLY A 178 2.60 -51.78 -24.98
N SER A 179 2.59 -53.05 -24.59
CA SER A 179 2.36 -54.14 -25.54
C SER A 179 1.71 -55.34 -24.86
N ARG A 185 0.81 -50.41 -16.76
CA ARG A 185 0.86 -48.96 -16.91
C ARG A 185 0.10 -48.49 -18.17
N PRO A 186 -1.20 -48.77 -18.23
CA PRO A 186 -2.08 -48.01 -19.13
C PRO A 186 -2.71 -46.78 -18.50
N LYS A 187 -2.40 -46.48 -17.24
CA LYS A 187 -3.15 -45.47 -16.49
C LYS A 187 -2.25 -44.68 -15.55
N GLN A 188 -0.98 -44.49 -15.92
CA GLN A 188 -0.05 -43.72 -15.09
C GLN A 188 1.10 -43.23 -15.95
N ALA A 189 1.60 -42.02 -15.64
CA ALA A 189 2.48 -41.30 -16.54
C ALA A 189 3.38 -40.38 -15.72
N TRP A 190 4.19 -39.58 -16.42
CA TRP A 190 5.07 -38.59 -15.81
C TRP A 190 4.81 -37.24 -16.45
N CYS A 191 5.01 -36.17 -15.68
CA CYS A 191 5.04 -34.81 -16.22
C CYS A 191 6.31 -34.13 -15.72
N TRP A 192 7.09 -33.60 -16.66
CA TRP A 192 8.40 -33.01 -16.40
C TRP A 192 8.30 -31.51 -16.54
N PHE A 193 8.79 -30.78 -15.53
CA PHE A 193 8.72 -29.32 -15.52
C PHE A 193 10.07 -28.76 -15.93
N GLY A 194 10.11 -28.12 -17.10
CA GLY A 194 11.32 -27.53 -17.61
C GLY A 194 11.33 -26.02 -17.51
N GLY A 195 12.51 -25.43 -17.65
CA GLY A 195 12.67 -24.00 -17.51
C GLY A 195 13.22 -23.63 -16.15
N LYS A 196 13.42 -22.32 -15.98
CA LYS A 196 14.01 -21.78 -14.75
C LYS A 196 12.90 -21.55 -13.73
N TRP A 197 12.37 -22.66 -13.22
CA TRP A 197 11.21 -22.59 -12.34
C TRP A 197 11.53 -21.93 -11.00
N LYS A 198 12.74 -22.15 -10.49
CA LYS A 198 13.05 -21.61 -9.16
C LYS A 198 13.09 -20.09 -9.19
N ASP A 199 13.67 -19.51 -10.24
CA ASP A 199 13.69 -18.06 -10.35
C ASP A 199 12.30 -17.50 -10.64
N ALA A 200 11.50 -18.21 -11.43
CA ALA A 200 10.18 -17.71 -11.77
C ALA A 200 9.30 -17.60 -10.52
N ILE A 201 9.43 -18.55 -9.59
CA ILE A 201 8.62 -18.50 -8.38
C ILE A 201 9.14 -17.42 -7.43
N LYS A 202 10.46 -17.27 -7.34
CA LYS A 202 11.00 -16.14 -6.57
C LYS A 202 10.44 -14.82 -7.08
N GLU A 203 10.39 -14.64 -8.40
CA GLU A 203 9.88 -13.41 -8.96
C GLU A 203 8.39 -13.24 -8.69
N VAL A 204 7.63 -14.34 -8.67
CA VAL A 204 6.22 -14.25 -8.29
C VAL A 204 6.10 -13.68 -6.88
N LYS A 205 6.89 -14.22 -5.95
CA LYS A 205 6.79 -13.76 -4.56
C LYS A 205 7.26 -12.32 -4.40
N GLN A 206 8.34 -11.94 -5.11
CA GLN A 206 8.76 -10.54 -5.09
C GLN A 206 7.68 -9.63 -5.67
N THR A 207 6.99 -10.08 -6.71
CA THR A 207 5.92 -9.28 -7.29
C THR A 207 4.79 -9.09 -6.29
N ILE A 208 4.43 -10.14 -5.56
CA ILE A 208 3.37 -10.03 -4.56
C ILE A 208 3.76 -9.03 -3.48
N VAL A 209 5.02 -9.07 -3.03
CA VAL A 209 5.46 -8.19 -1.96
C VAL A 209 5.29 -6.73 -2.35
N LYS A 210 5.55 -6.41 -3.61
CA LYS A 210 5.48 -5.02 -4.08
C LYS A 210 4.06 -4.55 -4.34
N HIS A 211 3.08 -5.43 -4.35
CA HIS A 211 1.75 -5.07 -4.82
C HIS A 211 1.01 -4.24 -3.77
N PRO A 212 0.29 -3.19 -4.19
CA PRO A 212 -0.43 -2.38 -3.19
C PRO A 212 -1.47 -3.14 -2.39
N ARG A 213 -2.01 -4.23 -2.93
CA ARG A 213 -3.05 -4.99 -2.24
C ARG A 213 -2.49 -5.92 -1.18
N TYR A 214 -1.18 -6.14 -1.14
CA TYR A 214 -0.59 -7.13 -0.26
C TYR A 214 -0.14 -6.47 1.04
N THR A 215 -0.74 -6.89 2.16
CA THR A 215 -0.39 -6.38 3.47
C THR A 215 0.19 -7.47 4.37
N GLY A 216 0.74 -8.53 3.78
CA GLY A 216 1.32 -9.63 4.53
C GLY A 216 2.81 -9.48 4.72
N THR A 217 3.43 -10.56 5.17
CA THR A 217 4.86 -10.56 5.43
C THR A 217 5.64 -10.17 4.17
N ASN A 218 6.69 -9.39 4.36
CA ASN A 218 7.64 -9.07 3.30
C ASN A 218 8.86 -9.98 3.35
N ASN A 219 8.84 -11.01 4.21
CA ASN A 219 9.88 -12.03 4.26
C ASN A 219 9.49 -13.14 3.29
N THR A 220 10.15 -13.18 2.13
CA THR A 220 9.78 -14.16 1.10
C THR A 220 10.03 -15.60 1.55
N ASP A 221 10.77 -15.83 2.62
CA ASP A 221 10.89 -17.18 3.16
C ASP A 221 9.61 -17.64 3.84
N LYS A 222 8.68 -16.71 4.13
CA LYS A 222 7.40 -17.05 4.73
C LYS A 222 6.25 -16.85 3.74
N ILE A 223 6.55 -16.83 2.45
CA ILE A 223 5.56 -16.83 1.38
C ILE A 223 5.73 -18.14 0.63
N ASN A 224 4.67 -18.94 0.55
CA ASN A 224 4.81 -20.32 0.10
C ASN A 224 3.66 -20.76 -0.79
N LEU A 225 4.01 -21.31 -1.94
CA LEU A 225 3.07 -22.11 -2.70
C LEU A 225 2.49 -23.19 -1.80
N THR A 226 1.18 -23.36 -1.84
CA THR A 226 0.50 -24.23 -0.89
C THR A 226 -0.50 -25.10 -1.61
N ALA A 227 -0.34 -26.41 -1.47
CA ALA A 227 -1.32 -27.33 -2.03
C ALA A 227 -2.59 -27.31 -1.19
N PRO A 228 -3.76 -27.41 -1.82
CA PRO A 228 -5.00 -27.55 -1.03
C PRO A 228 -4.94 -28.80 -0.17
N GLY A 229 -5.42 -28.67 1.07
CA GLY A 229 -5.34 -29.78 2.01
C GLY A 229 -6.24 -30.93 1.65
N GLY A 230 -7.35 -30.65 0.98
CA GLY A 230 -8.25 -31.72 0.60
C GLY A 230 -9.28 -31.22 -0.39
N GLY A 231 -10.26 -32.07 -0.65
CA GLY A 231 -11.33 -31.74 -1.58
C GLY A 231 -11.36 -32.67 -2.78
N ASP A 232 -11.93 -32.20 -3.88
CA ASP A 232 -12.01 -33.01 -5.09
C ASP A 232 -10.63 -33.26 -5.67
N PRO A 233 -10.46 -34.35 -6.44
CA PRO A 233 -9.13 -34.67 -6.98
C PRO A 233 -8.60 -33.62 -7.93
N GLU A 234 -9.49 -32.93 -8.67
CA GLU A 234 -9.05 -31.84 -9.52
C GLU A 234 -8.47 -30.69 -8.72
N VAL A 235 -8.69 -30.68 -7.41
CA VAL A 235 -8.16 -29.65 -6.52
C VAL A 235 -6.87 -30.09 -5.86
N THR A 236 -6.82 -31.33 -5.36
CA THR A 236 -5.64 -31.78 -4.62
C THR A 236 -4.52 -32.22 -5.55
N PHE A 237 -4.85 -32.65 -6.77
CA PHE A 237 -3.88 -32.88 -7.82
C PHE A 237 -4.00 -31.79 -8.88
N MET A 238 -2.91 -31.56 -9.61
CA MET A 238 -3.00 -30.72 -10.80
C MET A 238 -3.72 -31.49 -11.89
N TRP A 239 -4.68 -30.84 -12.52
CA TRP A 239 -5.56 -31.47 -13.51
C TRP A 239 -5.22 -30.94 -14.88
N THR A 240 -4.94 -31.85 -15.81
CA THR A 240 -4.60 -31.47 -17.18
C THR A 240 -5.02 -32.64 -18.06
N ASN A 241 -4.88 -32.47 -19.38
CA ASN A 241 -5.21 -33.53 -20.31
C ASN A 241 -4.12 -33.65 -21.36
N CYS A 242 -3.89 -34.88 -21.82
CA CYS A 242 -2.95 -35.17 -22.89
C CYS A 242 -3.55 -36.23 -23.80
N ARG A 243 -3.60 -35.92 -25.10
CA ARG A 243 -4.12 -36.85 -26.09
C ARG A 243 -5.51 -37.35 -25.72
N GLY A 244 -6.35 -36.43 -25.24
CA GLY A 244 -7.71 -36.78 -24.89
C GLY A 244 -7.89 -37.54 -23.60
N GLU A 245 -6.82 -37.70 -22.81
CA GLU A 245 -6.88 -38.37 -21.52
C GLU A 245 -6.68 -37.33 -20.41
N PHE A 246 -7.44 -37.46 -19.33
CA PHE A 246 -7.38 -36.53 -18.22
C PHE A 246 -6.32 -36.99 -17.23
N LEU A 247 -5.39 -36.11 -16.91
CA LEU A 247 -4.25 -36.43 -16.07
C LEU A 247 -4.37 -35.75 -14.70
N TYR A 248 -4.00 -36.48 -13.66
CA TYR A 248 -3.99 -35.98 -12.29
C TYR A 248 -2.60 -36.18 -11.72
N CYS A 249 -1.93 -35.09 -11.38
CA CYS A 249 -0.53 -35.10 -11.02
C CYS A 249 -0.34 -34.77 -9.54
N LYS A 250 0.41 -35.62 -8.83
CA LYS A 250 0.77 -35.38 -7.44
C LYS A 250 2.01 -34.49 -7.39
N MET A 251 1.88 -33.32 -6.77
CA MET A 251 2.84 -32.24 -6.94
C MET A 251 3.75 -32.03 -5.73
N ASN A 252 3.74 -32.93 -4.76
CA ASN A 252 4.54 -32.73 -3.56
C ASN A 252 6.02 -32.53 -3.89
N TRP A 253 6.58 -33.44 -4.67
CA TRP A 253 8.01 -33.36 -4.97
C TRP A 253 8.36 -32.06 -5.67
N PHE A 254 7.50 -31.60 -6.58
CA PHE A 254 7.77 -30.36 -7.30
C PHE A 254 7.73 -29.16 -6.37
N LEU A 255 6.76 -29.12 -5.46
CA LEU A 255 6.72 -28.03 -4.48
C LEU A 255 7.93 -28.07 -3.55
N ASN A 256 8.33 -29.28 -3.13
CA ASN A 256 9.55 -29.40 -2.33
C ASN A 256 10.75 -28.88 -3.11
N TRP A 257 10.79 -29.12 -4.41
CA TRP A 257 11.96 -28.77 -5.22
C TRP A 257 11.99 -27.29 -5.55
N VAL A 258 10.86 -26.72 -5.98
CA VAL A 258 10.87 -25.35 -6.48
C VAL A 258 11.11 -24.36 -5.35
N GLU A 259 10.69 -24.70 -4.13
CA GLU A 259 10.93 -23.85 -2.97
C GLU A 259 12.13 -24.32 -2.15
N ASP A 260 12.79 -25.40 -2.54
CA ASP A 260 13.89 -26.00 -1.78
C ASP A 260 13.52 -26.12 -0.30
N ARG A 261 12.46 -26.89 -0.06
CA ARG A 261 11.95 -27.07 1.28
C ARG A 261 12.81 -28.02 2.09
N ASN A 262 12.75 -27.87 3.41
CA ASN A 262 13.29 -28.86 4.35
C ASN A 262 12.21 -29.91 4.57
N THR A 263 12.43 -31.11 4.05
CA THR A 263 11.39 -32.13 3.95
C THR A 263 11.45 -33.17 5.06
N ALA A 264 12.28 -32.96 6.09
CA ALA A 264 12.45 -33.98 7.12
C ALA A 264 11.14 -34.31 7.83
N ASN A 265 10.23 -33.34 7.91
CA ASN A 265 9.00 -33.54 8.72
C ASN A 265 7.95 -34.22 7.86
N GLN A 266 8.34 -34.76 6.72
CA GLN A 266 7.34 -35.32 5.78
C GLN A 266 7.41 -36.84 5.75
N LYS A 267 6.34 -37.48 5.29
CA LYS A 267 6.32 -38.96 5.17
C LYS A 267 7.40 -39.29 4.17
N PRO A 268 8.11 -40.43 4.31
CA PRO A 268 9.28 -40.68 3.47
C PRO A 268 8.99 -40.66 1.97
N LYS A 269 7.83 -41.14 1.55
CA LYS A 269 7.47 -41.19 0.11
C LYS A 269 7.35 -39.78 -0.48
N GLU A 270 7.05 -38.79 0.35
CA GLU A 270 6.83 -37.42 -0.17
C GLU A 270 8.04 -36.52 0.10
N GLN A 271 9.13 -37.07 0.62
CA GLN A 271 10.32 -36.25 1.02
C GLN A 271 11.15 -35.86 -0.18
N HIS A 272 10.91 -36.49 -1.32
CA HIS A 272 11.75 -36.24 -2.52
C HIS A 272 11.59 -34.83 -3.08
N LYS A 273 12.63 -34.31 -3.69
CA LYS A 273 12.58 -32.99 -4.34
C LYS A 273 12.94 -33.20 -5.81
N ARG A 274 11.95 -33.16 -6.68
CA ARG A 274 12.11 -33.47 -8.09
C ARG A 274 11.31 -32.49 -8.92
N ASN A 275 11.81 -32.20 -10.12
CA ASN A 275 11.12 -31.33 -11.06
C ASN A 275 10.17 -32.11 -11.98
N TYR A 276 10.01 -33.41 -11.74
CA TYR A 276 9.03 -34.22 -12.44
C TYR A 276 8.13 -34.88 -11.39
N VAL A 277 6.90 -35.19 -11.80
CA VAL A 277 5.89 -35.64 -10.84
C VAL A 277 5.11 -36.80 -11.44
N PRO A 278 4.67 -37.72 -10.59
CA PRO A 278 3.85 -38.84 -11.07
C PRO A 278 2.41 -38.41 -11.29
N CYS A 279 1.86 -38.82 -12.42
CA CYS A 279 0.48 -38.51 -12.79
C CYS A 279 -0.24 -39.82 -13.09
N HIS A 280 -1.57 -39.79 -12.95
CA HIS A 280 -2.39 -40.95 -13.29
C HIS A 280 -3.60 -40.49 -14.08
N ILE A 281 -4.08 -41.38 -14.94
CA ILE A 281 -5.22 -41.11 -15.80
C ILE A 281 -6.48 -41.58 -15.11
N ARG A 282 -7.53 -40.75 -15.16
CA ARG A 282 -8.81 -41.09 -14.57
C ARG A 282 -9.91 -41.10 -15.64
N GLN A 283 -10.91 -41.93 -15.40
CA GLN A 283 -12.06 -42.05 -16.28
C GLN A 283 -13.30 -41.36 -15.75
N ILE A 284 -13.33 -41.04 -14.45
CA ILE A 284 -14.42 -40.30 -13.84
C ILE A 284 -13.84 -39.00 -13.33
N ILE A 285 -14.40 -37.88 -13.78
CA ILE A 285 -13.91 -36.56 -13.40
C ILE A 285 -15.08 -35.75 -12.87
N ASN A 286 -14.77 -34.82 -11.97
CA ASN A 286 -15.74 -33.81 -11.59
C ASN A 286 -15.67 -32.67 -12.59
N THR A 287 -16.83 -32.22 -13.06
CA THR A 287 -16.88 -31.14 -14.04
C THR A 287 -16.66 -29.79 -13.37
N TRP A 288 -15.97 -28.90 -14.08
CA TRP A 288 -15.44 -27.70 -13.46
C TRP A 288 -16.40 -26.52 -13.50
N HIS A 289 -17.33 -26.49 -14.45
CA HIS A 289 -18.25 -25.37 -14.61
C HIS A 289 -19.65 -25.69 -14.10
N LYS A 290 -20.00 -26.96 -13.98
CA LYS A 290 -21.31 -27.36 -13.49
C LYS A 290 -21.12 -28.53 -12.55
N VAL A 291 -21.94 -28.56 -11.49
CA VAL A 291 -21.85 -29.66 -10.53
C VAL A 291 -22.20 -30.96 -11.25
N GLY A 292 -21.28 -31.90 -11.22
CA GLY A 292 -21.54 -33.20 -11.82
C GLY A 292 -20.25 -33.98 -12.02
N LYS A 293 -20.43 -35.16 -12.60
CA LYS A 293 -19.33 -36.07 -12.91
C LYS A 293 -19.53 -36.59 -14.33
N ASN A 294 -18.44 -36.71 -15.07
CA ASN A 294 -18.43 -37.29 -16.40
C ASN A 294 -17.62 -38.58 -16.39
N VAL A 295 -18.09 -39.57 -17.13
CA VAL A 295 -17.41 -40.86 -17.26
C VAL A 295 -16.91 -40.99 -18.69
N TYR A 296 -15.64 -41.36 -18.84
CA TYR A 296 -15.00 -41.47 -20.14
C TYR A 296 -14.52 -42.89 -20.36
N LEU A 297 -14.08 -43.16 -21.59
CA LEU A 297 -13.64 -44.51 -21.94
C LEU A 297 -12.28 -44.79 -21.32
N PRO A 298 -11.93 -46.07 -21.18
CA PRO A 298 -10.58 -46.43 -20.71
C PRO A 298 -9.53 -45.75 -21.56
N PRO A 299 -8.34 -45.50 -21.01
CA PRO A 299 -7.32 -44.76 -21.75
C PRO A 299 -6.93 -45.47 -23.05
N ARG A 300 -6.58 -44.66 -24.04
CA ARG A 300 -6.12 -45.17 -25.31
C ARG A 300 -4.78 -45.89 -25.15
N GLU A 301 -4.37 -46.58 -26.20
CA GLU A 301 -3.09 -47.27 -26.25
C GLU A 301 -2.06 -46.45 -27.01
N GLY A 302 -0.79 -46.71 -26.70
CA GLY A 302 0.31 -46.09 -27.40
C GLY A 302 1.09 -45.15 -26.49
N ASP A 303 2.01 -44.42 -27.12
CA ASP A 303 2.80 -43.41 -26.43
C ASP A 303 2.08 -42.08 -26.48
N LEU A 304 1.73 -41.55 -25.31
CA LEU A 304 1.05 -40.26 -25.19
C LEU A 304 2.07 -39.23 -24.71
N THR A 305 2.26 -38.17 -25.49
CA THR A 305 3.22 -37.13 -25.16
C THR A 305 2.62 -35.78 -25.50
N CYS A 306 2.82 -34.81 -24.60
CA CYS A 306 2.32 -33.46 -24.76
C CYS A 306 3.32 -32.49 -24.16
N ASN A 307 3.77 -31.52 -24.96
CA ASN A 307 4.69 -30.49 -24.51
C ASN A 307 3.96 -29.15 -24.51
N SER A 308 3.94 -28.47 -23.38
CA SER A 308 3.22 -27.21 -23.24
C SER A 308 4.11 -26.15 -22.61
N THR A 309 3.83 -24.90 -22.94
CA THR A 309 4.33 -23.79 -22.15
C THR A 309 3.48 -23.66 -20.90
N VAL A 310 4.08 -23.17 -19.82
CA VAL A 310 3.37 -22.92 -18.58
C VAL A 310 3.34 -21.40 -18.38
N THR A 311 2.16 -20.81 -18.60
CA THR A 311 2.03 -19.37 -18.73
C THR A 311 1.37 -18.70 -17.53
N SER A 312 0.68 -19.44 -16.68
CA SER A 312 -0.05 -18.80 -15.59
C SER A 312 -0.13 -19.72 -14.38
N LEU A 313 -0.38 -19.10 -13.23
CA LEU A 313 -0.51 -19.77 -11.95
C LEU A 313 -1.79 -19.27 -11.29
N ILE A 314 -2.71 -20.19 -11.02
CA ILE A 314 -4.01 -19.85 -10.45
C ILE A 314 -3.90 -20.02 -8.93
N ALA A 315 -4.28 -18.99 -8.18
CA ALA A 315 -4.11 -19.08 -6.75
C ALA A 315 -4.95 -18.02 -6.03
N ASN A 316 -5.23 -18.30 -4.77
CA ASN A 316 -5.67 -17.30 -3.81
C ASN A 316 -4.48 -16.94 -2.93
N ILE A 317 -4.33 -15.64 -2.66
CA ILE A 317 -3.28 -15.16 -1.77
C ILE A 317 -3.88 -15.07 -0.36
N ASP A 318 -3.47 -15.98 0.52
CA ASP A 318 -4.10 -16.14 1.82
C ASP A 318 -3.16 -15.73 2.94
N TRP A 319 -3.58 -14.76 3.75
CA TRP A 319 -2.87 -14.42 4.97
C TRP A 319 -3.86 -13.87 5.97
N ILE A 320 -3.64 -14.19 7.25
CA ILE A 320 -4.45 -13.67 8.33
C ILE A 320 -3.66 -12.80 9.30
N ASP A 321 -2.34 -12.68 9.10
CA ASP A 321 -1.49 -11.82 9.90
C ASP A 321 -0.23 -11.56 9.10
N GLY A 322 0.81 -11.04 9.76
CA GLY A 322 2.02 -10.67 9.06
C GLY A 322 3.13 -11.69 9.13
N ASN A 323 2.82 -12.93 9.48
CA ASN A 323 3.84 -13.94 9.73
C ASN A 323 3.91 -15.06 8.68
N GLN A 324 2.91 -15.18 7.81
CA GLN A 324 2.89 -16.25 6.82
C GLN A 324 1.87 -15.93 5.75
N THR A 325 2.24 -16.15 4.50
CA THR A 325 1.36 -15.96 3.35
C THR A 325 1.41 -17.21 2.51
N ASN A 326 0.23 -17.74 2.16
CA ASN A 326 0.10 -18.91 1.33
C ASN A 326 -0.41 -18.51 -0.06
N ILE A 327 0.33 -18.90 -1.09
CA ILE A 327 -0.16 -18.81 -2.47
C ILE A 327 -0.87 -20.13 -2.72
N THR A 328 -2.15 -20.20 -2.37
CA THR A 328 -2.86 -21.46 -2.36
C THR A 328 -3.34 -21.81 -3.76
N MET A 329 -2.86 -22.93 -4.28
CA MET A 329 -3.17 -23.32 -5.64
C MET A 329 -4.67 -23.54 -5.81
N SER A 330 -5.18 -23.11 -6.96
CA SER A 330 -6.62 -22.99 -7.16
C SER A 330 -7.09 -23.88 -8.28
N ALA A 331 -8.33 -24.36 -8.14
CA ALA A 331 -9.01 -25.11 -9.19
C ALA A 331 -10.07 -24.27 -9.90
N GLU A 332 -9.99 -22.95 -9.77
CA GLU A 332 -10.92 -22.04 -10.45
C GLU A 332 -10.50 -21.91 -11.91
N VAL A 333 -10.89 -22.91 -12.70
CA VAL A 333 -10.47 -22.98 -14.10
C VAL A 333 -10.79 -21.68 -14.84
N ALA A 334 -11.92 -21.05 -14.48
CA ALA A 334 -12.38 -19.89 -15.25
C ALA A 334 -11.41 -18.71 -15.18
N GLU A 335 -10.56 -18.64 -14.16
CA GLU A 335 -9.64 -17.50 -14.07
C GLU A 335 -8.70 -17.45 -15.26
N LEU A 336 -8.39 -18.60 -15.85
CA LEU A 336 -7.53 -18.64 -17.03
C LEU A 336 -8.00 -17.65 -18.10
N TYR A 337 -9.31 -17.61 -18.35
CA TYR A 337 -9.88 -16.81 -19.43
C TYR A 337 -10.11 -15.37 -19.03
N ARG A 338 -10.15 -15.09 -17.73
CA ARG A 338 -10.14 -13.72 -17.27
C ARG A 338 -8.76 -13.10 -17.42
N LEU A 339 -7.71 -13.92 -17.41
CA LEU A 339 -6.39 -13.44 -17.82
C LEU A 339 -6.33 -13.24 -19.33
N GLU A 340 -6.92 -14.16 -20.10
CA GLU A 340 -6.80 -14.11 -21.56
C GLU A 340 -7.46 -12.85 -22.12
N LEU A 341 -8.62 -12.47 -21.59
CA LEU A 341 -9.40 -11.37 -22.15
C LEU A 341 -9.83 -10.33 -21.11
N GLY A 342 -9.28 -10.37 -19.90
CA GLY A 342 -9.73 -9.49 -18.84
C GLY A 342 -9.43 -8.03 -19.06
N ASP A 343 -8.65 -7.68 -20.07
CA ASP A 343 -8.34 -6.27 -20.33
C ASP A 343 -9.29 -5.64 -21.34
N TYR A 344 -10.30 -6.37 -21.81
CA TYR A 344 -11.27 -5.84 -22.75
C TYR A 344 -12.51 -5.33 -22.04
N LYS A 345 -13.22 -4.42 -22.71
CA LYS A 345 -14.54 -4.00 -22.30
C LYS A 345 -15.41 -3.79 -23.54
N LEU A 346 -16.63 -4.30 -23.49
CA LEU A 346 -17.58 -4.14 -24.59
C LEU A 346 -18.40 -2.87 -24.37
N VAL A 347 -18.46 -2.03 -25.40
CA VAL A 347 -19.17 -0.76 -25.33
C VAL A 347 -20.02 -0.59 -26.57
N GLU A 348 -21.10 0.18 -26.42
CA GLU A 348 -22.05 0.43 -27.49
C GLU A 348 -21.72 1.77 -28.12
N ILE A 349 -21.21 1.74 -29.35
CA ILE A 349 -20.89 2.96 -30.08
C ILE A 349 -22.20 3.72 -30.32
N THR A 350 -22.46 4.74 -29.52
CA THR A 350 -23.67 5.53 -29.69
C THR A 350 -23.47 6.99 -29.28
N LYS B 1 -26.88 -13.68 17.50
CA LYS B 1 -26.12 -14.63 16.65
C LYS B 1 -26.83 -15.98 16.60
N LYS B 2 -26.83 -16.61 15.44
CA LYS B 2 -27.46 -17.93 15.31
C LYS B 2 -26.68 -18.95 16.11
N VAL B 3 -27.40 -19.88 16.73
CA VAL B 3 -26.80 -20.94 17.53
C VAL B 3 -27.38 -22.27 17.09
N VAL B 4 -26.52 -23.28 16.96
CA VAL B 4 -26.92 -24.63 16.59
C VAL B 4 -26.29 -25.60 17.57
N LEU B 5 -27.07 -26.57 18.03
CA LEU B 5 -26.62 -27.55 19.00
C LEU B 5 -26.50 -28.91 18.33
N GLY B 6 -25.46 -29.65 18.71
CA GLY B 6 -25.24 -30.98 18.17
C GLY B 6 -24.91 -31.96 19.28
N LYS B 7 -25.15 -33.23 18.99
CA LYS B 7 -24.86 -34.31 19.91
C LYS B 7 -23.53 -34.96 19.56
N LYS B 8 -22.73 -35.23 20.59
CA LYS B 8 -21.41 -35.83 20.39
C LYS B 8 -21.52 -37.11 19.58
N GLY B 9 -20.57 -37.30 18.66
CA GLY B 9 -20.58 -38.43 17.78
C GLY B 9 -21.65 -38.42 16.71
N ASP B 10 -22.48 -37.38 16.65
CA ASP B 10 -23.54 -37.27 15.68
C ASP B 10 -23.12 -36.37 14.53
N THR B 11 -24.05 -36.10 13.62
CA THR B 11 -23.81 -35.29 12.44
C THR B 11 -24.69 -34.05 12.47
N VAL B 12 -24.13 -32.93 12.02
CA VAL B 12 -24.85 -31.67 11.93
C VAL B 12 -24.58 -31.03 10.58
N GLU B 13 -25.55 -30.26 10.09
CA GLU B 13 -25.46 -29.63 8.77
C GLU B 13 -25.75 -28.13 8.92
N LEU B 14 -24.70 -27.33 9.01
CA LEU B 14 -24.84 -25.89 9.02
C LEU B 14 -25.11 -25.38 7.61
N THR B 15 -25.91 -24.32 7.52
CA THR B 15 -26.41 -23.84 6.23
C THR B 15 -25.95 -22.41 5.99
N CYS B 16 -25.90 -22.06 4.70
CA CYS B 16 -25.48 -20.74 4.27
C CYS B 16 -26.23 -20.38 3.00
N ASN B 17 -26.72 -19.15 2.93
CA ASN B 17 -27.50 -18.68 1.78
C ASN B 17 -26.55 -18.38 0.64
N ALA B 18 -26.39 -19.34 -0.28
CA ALA B 18 -25.44 -19.21 -1.38
C ALA B 18 -26.13 -18.59 -2.60
N SER B 19 -26.47 -17.31 -2.46
CA SER B 19 -27.16 -16.55 -3.50
C SER B 19 -26.31 -15.35 -3.87
N GLN B 20 -25.73 -15.37 -5.06
CA GLN B 20 -24.91 -14.28 -5.56
C GLN B 20 -24.55 -14.60 -7.01
N LYS B 21 -23.84 -13.67 -7.66
CA LYS B 21 -23.44 -13.85 -9.05
C LYS B 21 -22.71 -15.18 -9.21
N LYS B 22 -22.68 -15.70 -10.43
CA LYS B 22 -21.90 -16.90 -10.69
C LYS B 22 -20.40 -16.59 -10.58
N ASN B 23 -19.60 -17.62 -10.35
CA ASN B 23 -18.16 -17.45 -9.99
C ASN B 23 -17.98 -16.41 -8.89
N THR B 24 -18.65 -16.65 -7.77
CA THR B 24 -18.30 -16.02 -6.50
C THR B 24 -17.90 -17.13 -5.54
N GLN B 25 -16.73 -17.02 -4.95
CA GLN B 25 -16.21 -18.08 -4.10
C GLN B 25 -16.78 -17.95 -2.69
N PHE B 26 -17.29 -19.05 -2.17
CA PHE B 26 -17.79 -19.14 -0.81
C PHE B 26 -16.78 -19.87 0.06
N HIS B 27 -16.78 -19.54 1.34
CA HIS B 27 -15.85 -20.14 2.30
C HIS B 27 -16.56 -20.42 3.60
N TRP B 28 -16.22 -21.54 4.22
CA TRP B 28 -16.53 -21.81 5.62
C TRP B 28 -15.22 -21.73 6.39
N LYS B 29 -15.16 -20.86 7.38
CA LYS B 29 -13.98 -20.68 8.20
C LYS B 29 -14.37 -20.84 9.67
N ASN B 30 -13.38 -21.13 10.50
CA ASN B 30 -13.60 -21.15 11.94
C ASN B 30 -13.26 -19.77 12.52
N SER B 31 -13.33 -19.66 13.86
CA SER B 31 -13.14 -18.37 14.49
C SER B 31 -11.70 -17.89 14.40
N ASN B 32 -10.74 -18.81 14.40
CA ASN B 32 -9.34 -18.45 14.20
C ASN B 32 -9.01 -18.09 12.76
N GLN B 33 -10.02 -18.05 11.89
CA GLN B 33 -9.95 -17.51 10.53
C GLN B 33 -9.30 -18.47 9.54
N ILE B 34 -9.06 -19.72 9.91
CA ILE B 34 -8.52 -20.70 8.96
C ILE B 34 -9.67 -21.39 8.25
N LYS B 35 -9.47 -21.68 6.98
CA LYS B 35 -10.52 -22.18 6.12
CA LYS B 35 -10.52 -22.18 6.12
C LYS B 35 -10.76 -23.67 6.34
N ILE B 36 -12.02 -24.07 6.18
CA ILE B 36 -12.44 -25.46 6.31
C ILE B 36 -12.96 -26.01 5.00
N LEU B 37 -13.90 -25.29 4.37
CA LEU B 37 -14.46 -25.66 3.08
C LEU B 37 -14.50 -24.44 2.18
N GLY B 38 -14.55 -24.69 0.88
CA GLY B 38 -14.68 -23.61 -0.09
C GLY B 38 -15.15 -24.15 -1.42
N ILE B 39 -15.66 -23.23 -2.24
CA ILE B 39 -16.10 -23.55 -3.60
C ILE B 39 -15.18 -22.84 -4.58
N GLN B 40 -14.72 -23.57 -5.58
CA GLN B 40 -13.97 -23.02 -6.70
C GLN B 40 -14.58 -23.59 -7.97
N GLY B 41 -15.25 -22.74 -8.74
CA GLY B 41 -16.09 -23.25 -9.82
C GLY B 41 -17.14 -24.17 -9.23
N SER B 42 -17.17 -25.41 -9.72
CA SER B 42 -18.05 -26.44 -9.19
C SER B 42 -17.28 -27.49 -8.40
N PHE B 43 -16.06 -27.18 -7.97
CA PHE B 43 -15.23 -28.08 -7.18
C PHE B 43 -15.34 -27.74 -5.70
N LEU B 44 -15.14 -28.75 -4.86
CA LEU B 44 -15.05 -28.58 -3.42
C LEU B 44 -13.59 -28.54 -3.00
N THR B 45 -13.21 -27.52 -2.25
CA THR B 45 -11.89 -27.44 -1.64
C THR B 45 -12.03 -27.60 -0.14
N LYS B 46 -11.00 -28.15 0.49
CA LYS B 46 -10.93 -28.33 1.93
C LYS B 46 -9.64 -27.73 2.44
N GLY B 47 -9.69 -27.10 3.60
CA GLY B 47 -8.64 -26.21 4.03
C GLY B 47 -7.58 -26.90 4.88
N PRO B 48 -6.69 -26.08 5.46
CA PRO B 48 -5.69 -26.65 6.38
C PRO B 48 -6.31 -27.23 7.63
N SER B 49 -7.44 -26.70 8.08
CA SER B 49 -8.10 -27.19 9.29
C SER B 49 -8.32 -28.69 9.20
N LYS B 50 -7.88 -29.40 10.24
CA LYS B 50 -7.98 -30.86 10.27
C LYS B 50 -9.37 -31.33 10.66
N LEU B 51 -10.29 -30.40 10.95
CA LEU B 51 -11.71 -30.70 10.97
C LEU B 51 -12.22 -31.00 9.56
N SER B 52 -11.49 -30.58 8.53
CA SER B 52 -11.94 -30.76 7.15
C SER B 52 -12.08 -32.22 6.78
N ASP B 53 -11.34 -33.12 7.45
CA ASP B 53 -11.47 -34.55 7.15
C ASP B 53 -12.87 -35.05 7.45
N ARG B 54 -13.55 -34.45 8.43
CA ARG B 54 -14.91 -34.81 8.78
C ARG B 54 -15.93 -33.81 8.25
N ALA B 55 -15.51 -32.88 7.39
CA ALA B 55 -16.37 -31.86 6.85
C ALA B 55 -16.66 -32.13 5.37
N ASP B 56 -17.87 -31.79 4.95
CA ASP B 56 -18.30 -31.98 3.58
C ASP B 56 -19.42 -30.99 3.30
N SER B 57 -19.79 -30.89 2.03
CA SER B 57 -20.91 -30.05 1.62
C SER B 57 -21.87 -30.86 0.77
N ARG B 58 -23.10 -30.36 0.63
CA ARG B 58 -24.13 -31.01 -0.16
C ARG B 58 -24.15 -30.34 -1.54
N LYS B 59 -23.52 -31.00 -2.52
CA LYS B 59 -23.38 -30.40 -3.84
C LYS B 59 -24.69 -30.32 -4.60
N SER B 60 -25.66 -31.16 -4.28
CA SER B 60 -26.94 -31.13 -5.01
C SER B 60 -27.65 -29.80 -4.82
N LEU B 61 -27.40 -29.11 -3.71
CA LEU B 61 -28.07 -27.85 -3.42
C LEU B 61 -27.28 -26.63 -3.88
N TRP B 62 -26.11 -26.81 -4.47
CA TRP B 62 -25.34 -25.64 -4.91
C TRP B 62 -26.07 -24.87 -6.01
N ASP B 63 -26.92 -25.55 -6.79
CA ASP B 63 -27.68 -24.86 -7.81
C ASP B 63 -28.80 -24.04 -7.20
N GLN B 64 -29.54 -24.62 -6.24
CA GLN B 64 -30.60 -23.89 -5.56
C GLN B 64 -30.06 -22.73 -4.72
N GLY B 65 -28.75 -22.65 -4.52
CA GLY B 65 -28.16 -21.55 -3.76
C GLY B 65 -28.00 -21.86 -2.28
N GLN B 66 -27.27 -22.94 -1.97
CA GLN B 66 -27.03 -23.33 -0.59
C GLN B 66 -25.62 -23.91 -0.52
N PHE B 67 -24.84 -23.44 0.45
CA PHE B 67 -23.48 -23.92 0.68
C PHE B 67 -23.42 -24.48 2.09
N SER B 68 -23.80 -25.74 2.23
CA SER B 68 -23.84 -26.38 3.54
C SER B 68 -22.45 -26.83 3.97
N MET B 69 -22.25 -26.90 5.28
CA MET B 69 -21.11 -27.58 5.87
C MET B 69 -21.63 -28.69 6.76
N ILE B 70 -21.43 -29.94 6.33
CA ILE B 70 -21.82 -31.11 7.08
C ILE B 70 -20.61 -31.62 7.84
N ILE B 71 -20.76 -31.80 9.15
CA ILE B 71 -19.70 -32.31 10.01
C ILE B 71 -20.17 -33.63 10.62
N LYS B 72 -19.38 -34.68 10.43
CA LYS B 72 -19.69 -36.01 10.94
C LYS B 72 -18.89 -36.29 12.22
N ASN B 73 -19.33 -37.30 12.96
CA ASN B 73 -18.65 -37.75 14.17
C ASN B 73 -18.25 -36.55 15.04
N LEU B 74 -19.26 -35.79 15.46
CA LEU B 74 -19.02 -34.55 16.17
C LEU B 74 -18.22 -34.78 17.44
N LYS B 75 -17.25 -33.90 17.68
CA LYS B 75 -16.47 -33.88 18.90
C LYS B 75 -16.78 -32.62 19.69
N ILE B 76 -16.62 -32.70 21.01
CA ILE B 76 -16.88 -31.53 21.86
C ILE B 76 -16.03 -30.35 21.41
N GLU B 77 -14.82 -30.62 20.91
CA GLU B 77 -13.93 -29.54 20.51
C GLU B 77 -14.36 -28.87 19.21
N ASP B 78 -15.25 -29.50 18.43
CA ASP B 78 -15.79 -28.84 17.25
C ASP B 78 -16.66 -27.64 17.60
N SER B 79 -17.03 -27.47 18.87
CA SER B 79 -17.77 -26.30 19.29
C SER B 79 -16.97 -25.03 19.01
N ASP B 80 -17.55 -24.13 18.24
CA ASP B 80 -16.86 -22.92 17.80
C ASP B 80 -17.87 -22.02 17.11
N THR B 81 -17.43 -20.81 16.78
CA THR B 81 -18.20 -19.90 15.94
C THR B 81 -17.67 -20.00 14.52
N TYR B 82 -18.48 -20.55 13.61
CA TYR B 82 -18.09 -20.74 12.23
C TYR B 82 -18.69 -19.64 11.36
N ILE B 83 -17.99 -19.33 10.27
CA ILE B 83 -18.27 -18.15 9.46
C ILE B 83 -18.42 -18.57 8.01
N CYS B 84 -19.52 -18.18 7.38
CA CYS B 84 -19.72 -18.35 5.95
C CYS B 84 -19.44 -17.00 5.29
N GLU B 85 -18.39 -16.94 4.48
CA GLU B 85 -17.87 -15.69 3.94
C GLU B 85 -17.93 -15.70 2.41
N VAL B 86 -18.23 -14.54 1.84
CA VAL B 86 -18.20 -14.36 0.39
C VAL B 86 -17.91 -12.89 0.10
N GLU B 87 -16.71 -12.61 -0.42
CA GLU B 87 -16.29 -11.25 -0.75
C GLU B 87 -16.64 -10.28 0.37
N ASN B 88 -16.24 -10.64 1.59
CA ASN B 88 -16.35 -9.79 2.78
C ASN B 88 -17.80 -9.56 3.20
N LYS B 89 -18.70 -10.49 2.89
CA LYS B 89 -20.05 -10.50 3.43
C LYS B 89 -20.17 -11.74 4.31
N LYS B 90 -20.04 -11.56 5.62
CA LYS B 90 -19.95 -12.66 6.57
C LYS B 90 -21.29 -12.91 7.25
N GLU B 91 -21.51 -14.18 7.59
CA GLU B 91 -22.65 -14.60 8.39
C GLU B 91 -22.17 -15.69 9.33
N GLU B 92 -22.27 -15.45 10.63
CA GLU B 92 -21.72 -16.36 11.63
C GLU B 92 -22.77 -17.32 12.15
N VAL B 93 -22.29 -18.39 12.79
CA VAL B 93 -23.15 -19.37 13.45
C VAL B 93 -22.33 -20.08 14.51
N GLU B 94 -22.84 -20.15 15.74
CA GLU B 94 -22.14 -20.77 16.85
C GLU B 94 -22.63 -22.22 16.99
N LEU B 95 -21.70 -23.16 16.91
CA LEU B 95 -22.00 -24.57 17.10
C LEU B 95 -21.57 -24.98 18.50
N LEU B 96 -22.47 -25.67 19.22
CA LEU B 96 -22.17 -26.18 20.56
C LEU B 96 -22.51 -27.66 20.58
N VAL B 97 -21.55 -28.48 21.03
CA VAL B 97 -21.68 -29.93 21.03
C VAL B 97 -21.68 -30.40 22.48
N PHE B 98 -22.69 -31.20 22.84
CA PHE B 98 -22.82 -31.74 24.18
C PHE B 98 -22.86 -33.27 24.12
N GLY B 99 -22.44 -33.87 25.23
CA GLY B 99 -22.59 -35.31 25.41
C GLY B 99 -23.16 -35.60 26.77
N LEU B 100 -24.03 -36.61 26.83
CA LEU B 100 -24.72 -37.00 28.06
C LEU B 100 -24.41 -38.47 28.33
N THR B 101 -23.47 -38.71 29.23
CA THR B 101 -22.99 -40.05 29.53
C THR B 101 -23.75 -40.62 30.73
N ALA B 102 -23.24 -41.72 31.27
CA ALA B 102 -23.78 -42.32 32.49
C ALA B 102 -22.63 -43.08 33.16
N ASN B 103 -22.95 -44.03 34.02
CA ASN B 103 -21.95 -44.91 34.60
C ASN B 103 -22.48 -46.33 34.68
N GLY B 111 -31.02 -49.61 44.40
CA GLY B 111 -30.01 -49.66 45.45
C GLY B 111 -28.81 -48.77 45.18
N GLN B 112 -28.10 -49.07 44.10
CA GLN B 112 -26.91 -48.31 43.73
C GLN B 112 -27.32 -46.94 43.18
N SER B 113 -26.32 -46.15 42.78
CA SER B 113 -26.53 -44.78 42.34
C SER B 113 -26.36 -44.66 40.84
N LEU B 114 -27.18 -43.79 40.23
CA LEU B 114 -27.04 -43.40 38.83
C LEU B 114 -26.51 -41.98 38.77
N THR B 115 -25.68 -41.71 37.77
CA THR B 115 -25.09 -40.39 37.59
C THR B 115 -25.04 -40.10 36.09
N LEU B 116 -25.95 -39.25 35.62
CA LEU B 116 -25.91 -38.75 34.25
C LEU B 116 -25.07 -37.47 34.24
N THR B 117 -23.90 -37.53 33.65
CA THR B 117 -23.01 -36.39 33.53
C THR B 117 -23.11 -35.80 32.13
N LEU B 118 -22.99 -34.48 32.04
CA LEU B 118 -23.11 -33.75 30.79
C LEU B 118 -21.76 -33.13 30.43
N GLU B 119 -21.28 -33.42 29.23
CA GLU B 119 -20.01 -32.89 28.73
C GLU B 119 -20.28 -31.64 27.91
N SER B 120 -19.53 -30.57 28.19
CA SER B 120 -19.77 -29.27 27.59
C SER B 120 -18.46 -28.67 27.13
N PRO B 121 -18.49 -27.80 26.13
CA PRO B 121 -17.27 -27.09 25.72
C PRO B 121 -17.03 -25.89 26.60
N PRO B 122 -15.79 -25.41 26.68
CA PRO B 122 -15.50 -24.22 27.50
C PRO B 122 -16.30 -23.02 27.01
N GLY B 123 -17.06 -22.43 27.94
CA GLY B 123 -17.83 -21.23 27.67
C GLY B 123 -19.33 -21.44 27.63
N SER B 124 -19.80 -22.68 27.64
CA SER B 124 -21.22 -22.95 27.60
C SER B 124 -21.81 -22.96 29.01
N SER B 125 -23.13 -22.86 29.08
CA SER B 125 -23.86 -22.82 30.36
C SER B 125 -25.10 -23.71 30.26
N PRO B 126 -24.90 -25.01 30.06
CA PRO B 126 -26.04 -25.89 29.74
C PRO B 126 -26.79 -26.36 30.97
N SER B 127 -28.03 -26.78 30.72
CA SER B 127 -28.92 -27.32 31.73
C SER B 127 -29.48 -28.65 31.22
N VAL B 128 -30.00 -29.46 32.15
CA VAL B 128 -30.52 -30.78 31.84
C VAL B 128 -31.88 -30.95 32.48
N LYS B 129 -32.77 -31.67 31.79
CA LYS B 129 -34.14 -31.91 32.27
C LYS B 129 -34.54 -33.30 31.81
N CYS B 130 -34.22 -34.30 32.64
CA CYS B 130 -34.45 -35.69 32.29
C CYS B 130 -35.78 -36.20 32.81
N ARG B 131 -36.38 -37.12 32.06
CA ARG B 131 -37.52 -37.90 32.50
C ARG B 131 -37.11 -39.37 32.52
N SER B 132 -37.82 -40.14 33.34
CA SER B 132 -37.60 -41.56 33.48
C SER B 132 -38.79 -42.34 32.96
N PRO B 133 -38.64 -43.66 32.75
CA PRO B 133 -39.78 -44.44 32.22
C PRO B 133 -41.05 -44.26 33.01
N GLY B 134 -40.96 -44.14 34.34
CA GLY B 134 -42.13 -43.96 35.17
C GLY B 134 -42.73 -42.57 35.15
N GLY B 135 -42.05 -41.60 34.54
CA GLY B 135 -42.55 -40.25 34.48
C GLY B 135 -42.02 -39.33 35.56
N LYS B 136 -40.96 -39.71 36.26
CA LYS B 136 -40.34 -38.87 37.28
C LYS B 136 -39.36 -37.92 36.61
N ASN B 137 -39.69 -36.63 36.62
CA ASN B 137 -38.78 -35.62 36.08
C ASN B 137 -37.69 -35.30 37.10
N ILE B 138 -36.64 -34.64 36.62
CA ILE B 138 -35.51 -34.26 37.46
C ILE B 138 -34.60 -33.34 36.67
N GLN B 139 -33.98 -32.37 37.33
CA GLN B 139 -33.24 -31.31 36.66
C GLN B 139 -31.90 -31.09 37.35
N GLY B 140 -31.02 -30.37 36.67
CA GLY B 140 -29.74 -30.03 37.24
C GLY B 140 -28.89 -29.27 36.24
N GLY B 141 -27.62 -29.09 36.60
CA GLY B 141 -26.67 -28.44 35.71
C GLY B 141 -25.80 -29.43 34.96
N ARG B 142 -24.60 -29.70 35.48
CA ARG B 142 -23.71 -30.65 34.83
C ARG B 142 -24.20 -32.08 35.02
N THR B 143 -24.73 -32.40 36.20
CA THR B 143 -25.01 -33.78 36.56
C THR B 143 -26.42 -33.92 37.11
N ILE B 144 -27.05 -35.04 36.78
CA ILE B 144 -28.27 -35.50 37.41
C ILE B 144 -27.93 -36.73 38.23
N SER B 145 -28.55 -36.86 39.40
CA SER B 145 -28.22 -37.95 40.32
C SER B 145 -29.48 -38.57 40.88
N VAL B 146 -29.53 -39.90 40.87
CA VAL B 146 -30.52 -40.67 41.61
C VAL B 146 -29.76 -41.59 42.56
N PRO B 147 -29.57 -41.19 43.83
CA PRO B 147 -28.64 -41.93 44.69
C PRO B 147 -29.00 -43.39 44.89
N GLN B 148 -30.30 -43.71 45.00
CA GLN B 148 -30.74 -45.09 45.25
C GLN B 148 -31.74 -45.47 44.17
N LEU B 149 -31.31 -46.30 43.23
CA LEU B 149 -32.14 -46.66 42.09
C LEU B 149 -33.31 -47.52 42.53
N GLU B 150 -34.50 -47.19 42.04
CA GLU B 150 -35.73 -47.86 42.45
C GLU B 150 -35.99 -49.15 41.68
N ARG B 151 -35.35 -49.34 40.52
CA ARG B 151 -35.64 -50.47 39.65
C ARG B 151 -36.93 -50.23 38.88
N GLN B 152 -37.74 -49.27 39.36
CA GLN B 152 -38.92 -48.85 38.62
C GLN B 152 -38.57 -48.09 37.35
N ASP B 153 -37.34 -47.58 37.25
CA ASP B 153 -36.96 -46.67 36.17
C ASP B 153 -36.00 -47.31 35.17
N SER B 154 -35.77 -48.61 35.26
CA SER B 154 -34.94 -49.30 34.27
C SER B 154 -35.66 -49.25 32.92
N GLY B 155 -35.01 -48.64 31.94
CA GLY B 155 -35.63 -48.41 30.65
C GLY B 155 -34.94 -47.25 29.94
N THR B 156 -35.73 -46.51 29.15
CA THR B 156 -35.23 -45.39 28.37
C THR B 156 -35.60 -44.08 29.05
N TRP B 157 -34.59 -43.24 29.29
CA TRP B 157 -34.77 -41.92 29.90
C TRP B 157 -34.74 -40.87 28.80
N THR B 158 -35.88 -40.20 28.59
CA THR B 158 -35.95 -39.09 27.64
C THR B 158 -35.42 -37.84 28.33
N CYS B 159 -34.24 -37.39 27.92
CA CYS B 159 -33.59 -36.22 28.50
C CYS B 159 -33.56 -35.07 27.49
N THR B 160 -33.59 -33.85 28.01
CA THR B 160 -33.50 -32.64 27.20
C THR B 160 -32.42 -31.74 27.78
N VAL B 161 -31.42 -31.41 26.96
CA VAL B 161 -30.36 -30.50 27.33
C VAL B 161 -30.66 -29.13 26.73
N SER B 162 -30.43 -28.08 27.50
CA SER B 162 -30.82 -26.74 27.11
C SER B 162 -29.64 -25.78 27.20
N GLN B 163 -29.62 -24.81 26.29
CA GLN B 163 -28.65 -23.71 26.30
C GLN B 163 -29.42 -22.48 25.84
N ASP B 164 -29.87 -21.67 26.81
CA ASP B 164 -30.64 -20.45 26.54
C ASP B 164 -31.89 -20.83 25.76
N GLN B 165 -32.10 -20.33 24.54
CA GLN B 165 -33.36 -20.56 23.84
C GLN B 165 -33.46 -21.95 23.24
N LYS B 166 -32.34 -22.61 22.94
CA LYS B 166 -32.34 -23.82 22.13
C LYS B 166 -32.12 -25.06 23.00
N THR B 167 -32.57 -26.20 22.47
CA THR B 167 -32.56 -27.45 23.21
C THR B 167 -32.20 -28.60 22.27
N VAL B 168 -31.79 -29.71 22.88
CA VAL B 168 -31.49 -30.94 22.15
C VAL B 168 -31.81 -32.11 23.06
N GLU B 169 -32.35 -33.18 22.50
CA GLU B 169 -32.91 -34.29 23.25
C GLU B 169 -32.00 -35.51 23.16
N PHE B 170 -31.75 -36.14 24.30
CA PHE B 170 -31.02 -37.39 24.40
C PHE B 170 -31.95 -38.51 24.85
N LYS B 171 -31.56 -39.75 24.54
CA LYS B 171 -32.27 -40.94 25.00
C LYS B 171 -31.23 -41.94 25.45
N ILE B 172 -31.34 -42.41 26.69
CA ILE B 172 -30.36 -43.31 27.29
C ILE B 172 -31.08 -44.52 27.85
N ASP B 173 -30.54 -45.71 27.60
CA ASP B 173 -31.04 -46.96 28.14
C ASP B 173 -30.23 -47.33 29.38
N ILE B 174 -30.93 -47.68 30.46
CA ILE B 174 -30.30 -47.95 31.74
C ILE B 174 -30.77 -49.31 32.25
N VAL B 175 -29.88 -50.02 32.93
CA VAL B 175 -30.16 -51.34 33.46
C VAL B 175 -30.06 -51.28 34.99
N VAL B 176 -28.85 -51.45 35.53
CA VAL B 176 -28.61 -51.33 36.96
C VAL B 176 -27.12 -51.10 37.20
N GLU C 1 13.64 11.52 -18.70
CA GLU C 1 13.41 11.72 -17.25
C GLU C 1 12.10 12.46 -16.99
N VAL C 2 11.46 12.14 -15.88
CA VAL C 2 10.29 12.89 -15.44
C VAL C 2 10.72 14.24 -14.91
N GLN C 3 10.03 15.30 -15.33
CA GLN C 3 10.33 16.65 -14.89
C GLN C 3 9.06 17.40 -14.59
N LEU C 4 9.02 18.05 -13.43
CA LEU C 4 7.96 18.98 -13.05
C LEU C 4 8.61 20.35 -12.88
N VAL C 5 8.29 21.28 -13.78
CA VAL C 5 8.89 22.60 -13.80
C VAL C 5 7.81 23.63 -13.50
N GLN C 6 7.97 24.34 -12.39
CA GLN C 6 6.98 25.30 -11.93
C GLN C 6 7.31 26.71 -12.40
N SER C 7 6.30 27.56 -12.35
CA SER C 7 6.48 28.98 -12.62
C SER C 7 7.28 29.62 -11.49
N GLY C 8 7.73 30.84 -11.72
CA GLY C 8 8.70 31.49 -10.86
C GLY C 8 8.10 32.12 -9.63
N THR C 9 8.93 32.93 -8.96
CA THR C 9 8.51 33.60 -7.73
C THR C 9 7.39 34.59 -8.01
N GLU C 10 6.52 34.77 -7.02
CA GLU C 10 5.35 35.62 -7.13
C GLU C 10 5.29 36.55 -5.93
N VAL C 11 4.99 37.82 -6.18
CA VAL C 11 4.79 38.80 -5.13
C VAL C 11 3.49 39.52 -5.44
N LYS C 12 2.50 39.37 -4.57
CA LYS C 12 1.17 39.92 -4.78
C LYS C 12 0.72 40.66 -3.52
N ARG C 13 -0.45 41.30 -3.62
CA ARG C 13 -1.06 42.03 -2.53
C ARG C 13 -2.34 41.36 -2.09
N PRO C 14 -2.76 41.53 -0.85
CA PRO C 14 -4.03 40.93 -0.40
C PRO C 14 -5.19 41.40 -1.27
N GLY C 15 -6.02 40.44 -1.70
CA GLY C 15 -7.17 40.71 -2.52
C GLY C 15 -7.00 40.39 -3.99
N GLU C 16 -5.76 40.32 -4.47
CA GLU C 16 -5.52 40.05 -5.88
C GLU C 16 -5.72 38.57 -6.19
N SER C 17 -5.89 38.29 -7.48
CA SER C 17 -5.96 36.92 -7.98
C SER C 17 -4.56 36.42 -8.32
N LEU C 18 -4.40 35.10 -8.33
CA LEU C 18 -3.11 34.52 -8.66
C LEU C 18 -3.30 33.13 -9.24
N THR C 19 -2.53 32.83 -10.29
CA THR C 19 -2.43 31.49 -10.85
C THR C 19 -0.96 31.15 -11.01
N ILE C 20 -0.53 30.07 -10.36
CA ILE C 20 0.79 29.51 -10.60
C ILE C 20 0.60 28.19 -11.32
N SER C 21 1.64 27.74 -12.01
CA SER C 21 1.53 26.61 -12.92
C SER C 21 2.70 25.67 -12.73
N CYS C 22 2.58 24.51 -13.37
CA CYS C 22 3.59 23.45 -13.29
C CYS C 22 3.50 22.64 -14.57
N LYS C 23 4.52 22.72 -15.42
CA LYS C 23 4.54 22.02 -16.69
C LYS C 23 5.34 20.73 -16.54
N THR C 24 4.77 19.62 -16.97
CA THR C 24 5.40 18.32 -16.81
C THR C 24 5.91 17.79 -18.14
N SER C 25 6.81 16.81 -18.05
CA SER C 25 7.35 16.15 -19.22
C SER C 25 7.92 14.81 -18.79
N GLY C 26 8.00 13.89 -19.73
CA GLY C 26 8.62 12.60 -19.48
C GLY C 26 7.67 11.49 -19.06
N TYR C 27 6.36 11.73 -19.11
CA TYR C 27 5.41 10.69 -18.73
C TYR C 27 4.04 11.09 -19.27
N SER C 28 3.11 10.14 -19.23
CA SER C 28 1.75 10.36 -19.71
C SER C 28 1.01 11.22 -18.70
N PHE C 29 0.85 12.50 -19.02
CA PHE C 29 0.29 13.46 -18.08
C PHE C 29 -1.11 13.08 -17.64
N SER C 30 -1.88 12.41 -18.51
CA SER C 30 -3.29 12.18 -18.23
C SER C 30 -3.54 11.02 -17.29
N GLY C 31 -2.59 10.11 -17.13
CA GLY C 31 -2.85 8.87 -16.43
C GLY C 31 -2.36 8.78 -15.01
N THR C 32 -2.08 9.93 -14.38
CA THR C 32 -1.55 9.93 -13.02
C THR C 32 -2.02 11.18 -12.29
N TRP C 33 -2.41 11.02 -11.02
CA TRP C 33 -2.77 12.17 -10.21
C TRP C 33 -1.57 13.09 -10.02
N ILE C 34 -1.84 14.38 -9.92
CA ILE C 34 -0.82 15.39 -9.65
C ILE C 34 -1.40 16.38 -8.64
N SER C 35 -0.62 16.72 -7.62
CA SER C 35 -1.12 17.44 -6.45
C SER C 35 -0.35 18.74 -6.23
N TRP C 36 -0.92 19.58 -5.37
CA TRP C 36 -0.29 20.82 -4.92
C TRP C 36 -0.10 20.77 -3.41
N VAL C 37 1.09 21.16 -2.95
CA VAL C 37 1.49 21.02 -1.56
C VAL C 37 2.04 22.34 -1.08
N ARG C 38 1.55 22.81 0.06
CA ARG C 38 1.98 24.08 0.65
C ARG C 38 2.95 23.83 1.79
N GLN C 39 3.99 24.66 1.87
CA GLN C 39 4.95 24.63 2.96
C GLN C 39 5.14 26.06 3.46
N MET C 40 4.44 26.42 4.53
CA MET C 40 4.58 27.74 5.10
C MET C 40 5.99 27.91 5.68
N PRO C 41 6.45 29.16 5.82
CA PRO C 41 7.85 29.39 6.21
C PRO C 41 8.19 28.68 7.52
N GLY C 42 9.25 27.88 7.48
CA GLY C 42 9.73 27.18 8.65
C GLY C 42 8.82 26.07 9.15
N LYS C 43 7.85 25.63 8.36
CA LYS C 43 6.88 24.65 8.78
C LYS C 43 6.96 23.41 7.88
N GLY C 44 6.02 22.49 8.07
CA GLY C 44 5.99 21.24 7.35
C GLY C 44 5.19 21.31 6.07
N LEU C 45 4.78 20.13 5.61
CA LEU C 45 4.14 19.97 4.31
C LEU C 45 2.64 19.73 4.50
N GLU C 46 1.84 20.43 3.71
CA GLU C 46 0.38 20.27 3.71
C GLU C 46 -0.08 19.95 2.31
N TRP C 47 -0.75 18.81 2.15
CA TRP C 47 -1.37 18.47 0.88
C TRP C 47 -2.62 19.33 0.68
N MET C 48 -2.67 20.07 -0.42
CA MET C 48 -3.79 20.96 -0.68
C MET C 48 -4.88 20.30 -1.51
N GLY C 49 -4.49 19.54 -2.53
CA GLY C 49 -5.46 18.95 -3.43
C GLY C 49 -4.74 18.32 -4.61
N SER C 50 -5.53 17.74 -5.50
CA SER C 50 -4.96 17.03 -6.63
C SER C 50 -6.00 16.91 -7.72
N ILE C 51 -5.52 16.62 -8.93
CA ILE C 51 -6.38 16.45 -10.09
C ILE C 51 -5.86 15.27 -10.90
N TYR C 52 -6.79 14.50 -11.46
CA TYR C 52 -6.46 13.46 -12.43
C TYR C 52 -6.69 14.03 -13.82
N PRO C 53 -5.66 14.49 -14.52
CA PRO C 53 -5.91 15.25 -15.76
C PRO C 53 -6.74 14.50 -16.79
N GLY C 54 -6.67 13.17 -16.82
CA GLY C 54 -7.35 12.41 -17.85
C GLY C 54 -8.86 12.53 -17.83
N ASP C 55 -9.45 12.94 -16.70
CA ASP C 55 -10.89 13.13 -16.66
C ASP C 55 -11.32 14.26 -15.72
N SER C 56 -10.38 15.11 -15.27
CA SER C 56 -10.66 16.31 -14.49
C SER C 56 -11.19 16.03 -13.11
N ASP C 57 -11.17 14.78 -12.66
CA ASP C 57 -11.52 14.46 -11.28
C ASP C 57 -10.57 15.19 -10.34
N THR C 58 -11.14 15.86 -9.32
CA THR C 58 -10.34 16.63 -8.38
C THR C 58 -10.64 16.20 -6.95
N ARG C 59 -9.68 16.52 -6.07
CA ARG C 59 -9.80 16.30 -4.64
C ARG C 59 -9.17 17.49 -3.92
N TYR C 60 -9.79 17.91 -2.83
CA TYR C 60 -9.27 19.01 -2.04
C TYR C 60 -9.24 18.62 -0.58
N HIS C 61 -8.17 18.99 0.11
CA HIS C 61 -8.14 18.92 1.55
C HIS C 61 -9.25 19.80 2.11
N PRO C 62 -9.98 19.35 3.14
CA PRO C 62 -11.14 20.14 3.60
C PRO C 62 -10.82 21.58 3.94
N SER C 63 -9.58 21.86 4.39
CA SER C 63 -9.19 23.21 4.76
C SER C 63 -8.95 24.12 3.57
N PHE C 64 -8.76 23.56 2.38
CA PHE C 64 -8.52 24.35 1.18
C PHE C 64 -9.70 24.36 0.22
N GLN C 65 -10.68 23.48 0.42
CA GLN C 65 -11.89 23.52 -0.40
C GLN C 65 -12.53 24.89 -0.35
N GLY C 66 -12.81 25.45 -1.53
CA GLY C 66 -13.45 26.74 -1.64
C GLY C 66 -12.51 27.92 -1.61
N HIS C 67 -11.24 27.72 -1.25
CA HIS C 67 -10.26 28.79 -1.25
C HIS C 67 -9.28 28.72 -2.40
N VAL C 68 -9.14 27.56 -3.03
CA VAL C 68 -8.26 27.40 -4.19
C VAL C 68 -8.96 26.53 -5.23
N THR C 69 -8.49 26.64 -6.46
CA THR C 69 -8.97 25.83 -7.57
C THR C 69 -7.78 25.20 -8.28
N ILE C 70 -7.83 23.88 -8.43
CA ILE C 70 -6.80 23.12 -9.14
C ILE C 70 -7.37 22.67 -10.47
N SER C 71 -6.58 22.82 -11.53
CA SER C 71 -7.02 22.51 -12.88
C SER C 71 -5.82 22.03 -13.68
N ALA C 72 -6.11 21.53 -14.89
CA ALA C 72 -5.06 20.98 -15.74
C ALA C 72 -5.45 21.13 -17.20
N ASP C 73 -4.44 21.20 -18.05
CA ASP C 73 -4.60 21.35 -19.50
C ASP C 73 -3.74 20.30 -20.18
N ARG C 74 -4.39 19.26 -20.72
CA ARG C 74 -3.65 18.14 -21.29
C ARG C 74 -2.84 18.53 -22.51
N SER C 75 -3.30 19.52 -23.28
CA SER C 75 -2.60 19.89 -24.50
C SER C 75 -1.22 20.47 -24.23
N VAL C 76 -0.96 20.94 -23.00
CA VAL C 76 0.35 21.51 -22.67
C VAL C 76 0.90 20.86 -21.41
N SER C 77 0.29 19.75 -20.99
CA SER C 77 0.79 18.95 -19.87
C SER C 77 1.08 19.81 -18.64
N THR C 78 0.09 20.62 -18.26
CA THR C 78 0.27 21.61 -17.21
C THR C 78 -0.90 21.59 -16.24
N THR C 79 -0.58 21.69 -14.95
CA THR C 79 -1.57 21.84 -13.89
C THR C 79 -1.44 23.23 -13.28
N TYR C 80 -2.58 23.78 -12.85
CA TYR C 80 -2.64 25.15 -12.36
C TYR C 80 -3.25 25.17 -10.96
N LEU C 81 -2.81 26.14 -10.17
CA LEU C 81 -3.34 26.39 -8.84
C LEU C 81 -3.72 27.87 -8.75
N GLN C 82 -4.97 28.14 -8.43
CA GLN C 82 -5.53 29.49 -8.55
C GLN C 82 -6.21 29.89 -7.26
N TRP C 83 -5.96 31.13 -6.83
CA TRP C 83 -6.71 31.79 -5.77
C TRP C 83 -7.56 32.90 -6.39
N SER C 84 -8.80 33.04 -5.89
CA SER C 84 -9.62 34.15 -6.35
C SER C 84 -9.31 35.44 -5.59
N SER C 85 -9.00 35.33 -4.29
CA SER C 85 -8.72 36.51 -3.48
C SER C 85 -7.67 36.11 -2.43
N LEU C 86 -6.42 36.50 -2.68
CA LEU C 86 -5.32 36.11 -1.81
C LEU C 86 -5.43 36.78 -0.44
N LYS C 87 -4.88 36.10 0.56
CA LYS C 87 -4.67 36.65 1.89
C LYS C 87 -3.19 36.66 2.19
N ALA C 88 -2.79 37.49 3.15
CA ALA C 88 -1.41 37.47 3.61
C ALA C 88 -1.01 36.10 4.13
N SER C 89 -1.95 35.39 4.77
CA SER C 89 -1.66 34.06 5.31
C SER C 89 -1.36 33.04 4.22
N ASP C 90 -1.62 33.36 2.95
CA ASP C 90 -1.27 32.47 1.85
C ASP C 90 0.21 32.55 1.48
N THR C 91 1.01 33.33 2.21
CA THR C 91 2.44 33.42 1.93
C THR C 91 3.11 32.10 2.28
N ALA C 92 3.73 31.47 1.28
CA ALA C 92 4.41 30.20 1.51
C ALA C 92 5.13 29.72 0.25
N THR C 93 5.75 28.55 0.34
CA THR C 93 6.29 27.85 -0.82
C THR C 93 5.30 26.77 -1.25
N TYR C 94 5.06 26.68 -2.56
CA TYR C 94 4.08 25.76 -3.11
C TYR C 94 4.76 24.77 -4.04
N TYR C 95 4.44 23.49 -3.87
CA TYR C 95 5.09 22.41 -4.62
C TYR C 95 4.08 21.69 -5.50
N CYS C 96 4.48 21.46 -6.74
CA CYS C 96 3.87 20.49 -7.64
C CYS C 96 4.37 19.11 -7.27
N ALA C 97 3.46 18.13 -7.16
CA ALA C 97 3.86 16.79 -6.72
C ALA C 97 3.05 15.73 -7.45
N ARG C 98 3.75 14.88 -8.21
CA ARG C 98 3.11 13.82 -8.98
C ARG C 98 2.94 12.55 -8.12
N SER C 99 1.77 11.94 -8.23
CA SER C 99 1.55 10.66 -7.56
C SER C 99 2.39 9.56 -8.20
N TYR C 100 2.76 8.58 -7.39
CA TYR C 100 3.48 7.41 -7.87
C TYR C 100 2.73 6.76 -9.02
N GLU C 101 3.44 6.54 -10.13
CA GLU C 101 2.79 6.14 -11.39
C GLU C 101 2.48 4.64 -11.42
N ASP C 102 3.46 3.80 -11.05
CA ASP C 102 3.33 2.35 -11.18
C ASP C 102 2.59 1.76 -9.97
N ASN C 103 1.31 2.11 -9.87
CA ASN C 103 0.48 1.74 -8.73
C ASN C 103 -0.46 0.57 -9.04
N TYR C 104 -0.31 -0.07 -10.19
CA TYR C 104 -1.17 -1.19 -10.58
C TYR C 104 -2.65 -0.81 -10.55
N GLY C 105 -2.94 0.48 -10.73
CA GLY C 105 -4.30 0.98 -10.74
C GLY C 105 -4.81 1.50 -9.41
N TYR C 106 -4.10 1.24 -8.32
CA TYR C 106 -4.60 1.54 -6.98
C TYR C 106 -4.08 2.89 -6.50
N TYR C 107 -4.58 3.95 -7.14
CA TYR C 107 -4.16 5.29 -6.78
C TYR C 107 -4.64 5.71 -5.39
N ASP C 108 -5.70 5.10 -4.88
CA ASP C 108 -6.17 5.41 -3.54
C ASP C 108 -5.37 4.71 -2.44
N LEU C 109 -4.56 3.71 -2.79
CA LEU C 109 -3.67 3.07 -1.83
C LEU C 109 -2.24 3.57 -1.90
N PHE C 110 -1.81 4.07 -3.06
CA PHE C 110 -0.46 4.55 -3.28
C PHE C 110 -0.43 6.06 -3.56
N PHE C 111 -1.17 6.83 -2.78
CA PHE C 111 -1.26 8.26 -3.01
C PHE C 111 -0.12 9.01 -2.31
N PHE C 112 1.09 8.66 -2.73
CA PHE C 112 2.31 9.35 -2.30
C PHE C 112 2.99 9.89 -3.55
N PHE C 113 4.06 10.66 -3.34
CA PHE C 113 4.58 11.57 -4.36
C PHE C 113 6.04 11.27 -4.65
N ASP C 114 6.34 10.81 -5.87
CA ASP C 114 7.69 10.44 -6.25
C ASP C 114 8.44 11.54 -6.99
N TYR C 115 7.75 12.47 -7.64
CA TYR C 115 8.42 13.57 -8.35
C TYR C 115 7.80 14.90 -7.92
N TRP C 116 8.67 15.88 -7.68
CA TRP C 116 8.26 17.19 -7.16
C TRP C 116 8.80 18.28 -8.06
N GLY C 117 8.07 19.38 -8.13
CA GLY C 117 8.59 20.58 -8.76
C GLY C 117 9.63 21.25 -7.88
N GLN C 118 10.31 22.25 -8.45
CA GLN C 118 11.34 22.93 -7.69
C GLN C 118 10.76 23.82 -6.60
N GLY C 119 9.46 24.05 -6.60
CA GLY C 119 8.83 24.95 -5.64
C GLY C 119 8.67 26.35 -6.21
N ALA C 120 7.69 27.06 -5.66
CA ALA C 120 7.44 28.45 -6.06
C ALA C 120 7.20 29.28 -4.81
N LEU C 121 8.02 30.31 -4.62
CA LEU C 121 7.83 31.23 -3.50
C LEU C 121 6.71 32.20 -3.84
N VAL C 122 5.72 32.30 -2.95
CA VAL C 122 4.60 33.20 -3.11
C VAL C 122 4.52 34.08 -1.87
N THR C 123 4.70 35.39 -2.06
CA THR C 123 4.61 36.36 -0.98
C THR C 123 3.37 37.21 -1.20
N VAL C 124 2.57 37.36 -0.14
CA VAL C 124 1.35 38.18 -0.16
C VAL C 124 1.49 39.23 0.93
N SER C 125 1.52 40.50 0.54
CA SER C 125 1.74 41.57 1.49
C SER C 125 1.28 42.90 0.90
N SER C 126 0.85 43.81 1.78
CA SER C 126 0.49 45.15 1.37
C SER C 126 1.71 46.03 1.13
N ALA C 127 2.90 45.58 1.49
CA ALA C 127 4.10 46.39 1.34
C ALA C 127 4.40 46.62 -0.14
N SER C 128 5.24 47.63 -0.39
CA SER C 128 5.65 48.00 -1.73
C SER C 128 7.15 47.78 -1.88
N THR C 129 7.56 47.50 -3.12
CA THR C 129 8.97 47.31 -3.41
C THR C 129 9.81 48.43 -2.82
N LYS C 130 10.79 48.07 -2.01
CA LYS C 130 11.66 49.04 -1.37
C LYS C 130 13.05 48.44 -1.20
N GLY C 131 14.07 49.20 -1.58
CA GLY C 131 15.44 48.76 -1.42
C GLY C 131 15.92 48.94 0.01
N PRO C 132 16.98 48.22 0.38
CA PRO C 132 17.42 48.24 1.78
C PRO C 132 18.33 49.41 2.09
N SER C 133 18.32 49.80 3.37
CA SER C 133 19.32 50.68 3.94
C SER C 133 20.37 49.82 4.62
N VAL C 134 21.64 50.07 4.33
CA VAL C 134 22.74 49.29 4.86
C VAL C 134 23.48 50.13 5.89
N PHE C 135 23.61 49.59 7.10
CA PHE C 135 24.29 50.26 8.19
C PHE C 135 25.45 49.41 8.69
N PRO C 136 26.60 50.02 8.99
CA PRO C 136 27.75 49.22 9.43
C PRO C 136 27.61 48.78 10.88
N LEU C 137 28.14 47.59 11.16
CA LEU C 137 28.27 47.05 12.51
C LEU C 137 29.77 47.05 12.81
N ALA C 138 30.26 48.18 13.30
CA ALA C 138 31.70 48.39 13.38
C ALA C 138 32.31 47.57 14.50
N PRO C 139 33.49 47.01 14.30
CA PRO C 139 34.17 46.30 15.40
C PRO C 139 34.62 47.29 16.47
N SER C 140 34.49 46.88 17.73
CA SER C 140 34.79 47.75 18.85
C SER C 140 35.42 46.90 19.95
N SER C 141 35.62 47.52 21.12
CA SER C 141 36.09 46.77 22.28
C SER C 141 35.09 45.72 22.73
N LYS C 142 33.82 45.89 22.38
CA LYS C 142 32.76 44.96 22.77
C LYS C 142 32.42 43.99 21.64
N SER C 143 33.26 43.90 20.62
CA SER C 143 33.11 42.94 19.53
C SER C 143 34.40 42.16 19.30
N THR C 144 35.26 42.08 20.30
CA THR C 144 36.60 41.53 20.13
C THR C 144 36.97 40.67 21.34
N SER C 145 37.76 39.63 21.09
CA SER C 145 38.28 38.78 22.14
C SER C 145 39.27 37.81 21.53
N GLY C 146 40.38 37.57 22.24
CA GLY C 146 41.34 36.57 21.82
C GLY C 146 41.98 36.85 20.47
N GLY C 147 42.08 38.12 20.09
CA GLY C 147 42.68 38.49 18.82
C GLY C 147 41.79 38.38 17.62
N THR C 148 40.54 37.95 17.80
CA THR C 148 39.55 37.92 16.71
C THR C 148 38.45 38.91 17.01
N ALA C 149 37.98 39.61 15.98
CA ALA C 149 36.98 40.65 16.11
C ALA C 149 35.83 40.39 15.15
N ALA C 150 34.64 40.81 15.57
CA ALA C 150 33.41 40.63 14.80
C ALA C 150 32.98 41.96 14.20
N LEU C 151 32.60 41.95 12.93
CA LEU C 151 32.06 43.11 12.24
C LEU C 151 31.00 42.63 11.26
N GLY C 152 30.18 43.55 10.78
CA GLY C 152 29.13 43.16 9.85
C GLY C 152 28.35 44.36 9.35
N CYS C 153 27.27 44.05 8.62
CA CYS C 153 26.35 45.05 8.11
C CYS C 153 24.92 44.67 8.50
N LEU C 154 24.08 45.69 8.63
CA LEU C 154 22.66 45.53 8.91
C LEU C 154 21.88 45.95 7.67
N VAL C 155 21.30 44.98 6.96
CA VAL C 155 20.54 45.23 5.76
C VAL C 155 19.08 45.34 6.18
N LYS C 156 18.59 46.58 6.29
CA LYS C 156 17.34 46.87 6.98
C LYS C 156 16.30 47.45 6.02
N ASP C 157 15.05 47.02 6.22
CA ASP C 157 13.89 47.63 5.58
C ASP C 157 13.91 47.47 4.05
N TYR C 158 13.73 46.24 3.59
CA TYR C 158 13.56 45.99 2.16
C TYR C 158 12.39 45.05 1.93
N PHE C 159 11.80 45.16 0.75
CA PHE C 159 10.71 44.30 0.32
C PHE C 159 10.76 44.24 -1.20
N PRO C 160 10.57 43.05 -1.80
CA PRO C 160 10.44 41.76 -1.12
C PRO C 160 11.78 41.08 -1.00
N GLU C 161 11.79 39.78 -0.70
CA GLU C 161 13.01 39.00 -0.75
C GLU C 161 13.33 38.61 -2.19
N PRO C 162 14.57 38.17 -2.47
CA PRO C 162 15.65 38.01 -1.50
C PRO C 162 16.72 39.09 -1.58
N VAL C 163 17.64 39.06 -0.63
CA VAL C 163 18.83 39.91 -0.62
C VAL C 163 20.05 39.01 -0.57
N THR C 164 21.08 39.36 -1.33
CA THR C 164 22.35 38.65 -1.32
C THR C 164 23.42 39.55 -0.71
N VAL C 165 24.32 38.95 0.07
CA VAL C 165 25.37 39.67 0.77
C VAL C 165 26.69 38.96 0.53
N SER C 166 27.66 39.68 -0.02
CA SER C 166 29.03 39.20 -0.17
C SER C 166 29.95 40.07 0.68
N TRP C 167 31.20 39.62 0.81
CA TRP C 167 32.20 40.32 1.60
C TRP C 167 33.47 40.46 0.78
N ASN C 168 33.83 41.72 0.47
CA ASN C 168 35.00 42.02 -0.36
C ASN C 168 34.93 41.30 -1.70
N SER C 169 33.79 41.46 -2.38
CA SER C 169 33.58 40.90 -3.71
C SER C 169 33.88 39.40 -3.75
N GLY C 170 33.49 38.71 -2.68
CA GLY C 170 33.65 37.27 -2.62
C GLY C 170 35.01 36.78 -2.16
N ALA C 171 35.98 37.67 -1.97
CA ALA C 171 37.30 37.24 -1.53
C ALA C 171 37.31 36.74 -0.09
N LEU C 172 36.35 37.18 0.73
CA LEU C 172 36.26 36.79 2.13
C LEU C 172 35.04 35.89 2.30
N THR C 173 35.31 34.60 2.52
CA THR C 173 34.25 33.61 2.73
C THR C 173 34.31 32.95 4.10
N SER C 174 35.50 32.86 4.70
CA SER C 174 35.65 32.18 5.98
C SER C 174 35.14 33.05 7.12
N GLY C 175 34.48 32.41 8.08
CA GLY C 175 33.97 33.09 9.24
C GLY C 175 32.72 33.92 9.02
N VAL C 176 32.21 33.98 7.79
CA VAL C 176 31.03 34.78 7.50
C VAL C 176 29.78 34.06 7.98
N HIS C 177 28.82 34.83 8.48
CA HIS C 177 27.52 34.31 8.88
C HIS C 177 26.47 35.32 8.42
N THR C 178 25.80 35.02 7.31
CA THR C 178 24.68 35.83 6.84
C THR C 178 23.40 35.21 7.37
N PHE C 179 22.70 35.93 8.21
CA PHE C 179 21.55 35.34 8.88
C PHE C 179 20.33 35.34 7.97
N PRO C 180 19.40 34.40 8.17
CA PRO C 180 18.13 34.46 7.44
C PRO C 180 17.35 35.69 7.85
N ALA C 181 16.68 36.30 6.87
CA ALA C 181 15.97 37.54 7.12
C ALA C 181 14.77 37.34 8.03
N VAL C 182 14.42 38.39 8.75
CA VAL C 182 13.23 38.40 9.59
C VAL C 182 12.24 39.40 9.01
N LEU C 183 10.95 39.14 9.24
CA LEU C 183 9.90 40.05 8.83
C LEU C 183 9.48 40.89 10.03
N GLN C 184 9.48 42.21 9.86
CA GLN C 184 9.21 43.13 10.94
C GLN C 184 7.74 43.55 10.94
N SER C 185 7.34 44.20 12.03
CA SER C 185 5.97 44.69 12.14
C SER C 185 5.62 45.63 10.99
N SER C 186 6.61 46.35 10.46
CA SER C 186 6.36 47.29 9.37
C SER C 186 6.00 46.59 8.05
N GLY C 187 6.16 45.27 7.98
CA GLY C 187 5.99 44.57 6.72
C GLY C 187 7.25 44.50 5.87
N LEU C 188 8.35 45.10 6.32
CA LEU C 188 9.62 45.06 5.62
C LEU C 188 10.53 44.01 6.26
N TYR C 189 11.51 43.56 5.49
CA TYR C 189 12.46 42.55 5.95
C TYR C 189 13.76 43.19 6.37
N SER C 190 14.47 42.51 7.28
CA SER C 190 15.81 42.91 7.70
C SER C 190 16.65 41.66 7.89
N LEU C 191 17.96 41.82 7.74
CA LEU C 191 18.90 40.76 8.05
C LEU C 191 20.24 41.39 8.40
N SER C 192 21.14 40.57 8.93
CA SER C 192 22.49 41.00 9.28
C SER C 192 23.48 39.99 8.75
N SER C 193 24.65 40.48 8.35
CA SER C 193 25.75 39.64 7.90
C SER C 193 26.99 40.03 8.69
N VAL C 194 27.54 39.08 9.44
CA VAL C 194 28.69 39.32 10.30
C VAL C 194 29.82 38.40 9.86
N VAL C 195 31.04 38.81 10.18
CA VAL C 195 32.22 38.00 9.89
C VAL C 195 33.26 38.26 10.97
N THR C 196 33.90 37.19 11.43
CA THR C 196 35.01 37.31 12.37
C THR C 196 36.32 37.34 11.61
N VAL C 197 37.22 38.24 12.01
CA VAL C 197 38.52 38.39 11.37
C VAL C 197 39.56 38.67 12.44
N PRO C 198 40.83 38.40 12.15
CA PRO C 198 41.89 38.69 13.13
C PRO C 198 41.97 40.19 13.44
N SER C 199 42.05 40.51 14.73
CA SER C 199 42.15 41.90 15.14
C SER C 199 43.35 42.58 14.52
N SER C 200 44.47 41.85 14.38
CA SER C 200 45.68 42.43 13.81
C SER C 200 45.45 43.04 12.44
N SER C 201 44.42 42.60 11.72
CA SER C 201 44.18 43.06 10.35
C SER C 201 43.25 44.27 10.28
N LEU C 202 42.66 44.71 11.39
CA LEU C 202 41.68 45.78 11.33
C LEU C 202 42.28 47.07 10.78
N GLY C 203 43.51 47.39 11.18
CA GLY C 203 44.14 48.60 10.69
C GLY C 203 44.56 48.52 9.24
N THR C 204 44.94 47.33 8.78
CA THR C 204 45.52 47.18 7.45
C THR C 204 44.46 46.85 6.39
N GLN C 205 43.75 45.75 6.58
CA GLN C 205 42.83 45.25 5.56
C GLN C 205 41.50 45.98 5.61
N THR C 206 40.95 46.27 4.42
CA THR C 206 39.66 46.91 4.29
C THR C 206 38.57 45.85 4.14
N TYR C 207 37.41 46.13 4.73
CA TYR C 207 36.26 45.22 4.68
C TYR C 207 35.05 45.97 4.16
N ILE C 208 34.42 45.44 3.12
CA ILE C 208 33.30 46.08 2.46
C ILE C 208 32.19 45.06 2.25
N CYS C 209 30.94 45.49 2.46
CA CYS C 209 29.79 44.67 2.16
C CYS C 209 29.42 44.79 0.70
N ASN C 210 28.77 43.76 0.17
CA ASN C 210 28.21 43.75 -1.18
C ASN C 210 26.77 43.29 -1.05
N VAL C 211 25.84 44.24 -1.01
CA VAL C 211 24.43 43.97 -0.80
C VAL C 211 23.70 44.22 -2.12
N ASN C 212 23.08 43.19 -2.67
CA ASN C 212 22.28 43.32 -3.89
C ASN C 212 20.84 42.92 -3.58
N HIS C 213 19.91 43.72 -4.08
CA HIS C 213 18.47 43.48 -3.93
C HIS C 213 17.86 43.68 -5.31
N LYS C 214 17.79 42.61 -6.10
CA LYS C 214 17.35 42.73 -7.48
C LYS C 214 15.91 43.24 -7.62
N PRO C 215 14.95 42.85 -6.79
CA PRO C 215 13.56 43.32 -6.99
C PRO C 215 13.44 44.83 -7.13
N SER C 216 14.28 45.60 -6.45
CA SER C 216 14.31 47.04 -6.62
C SER C 216 15.54 47.52 -7.39
N ASN C 217 16.36 46.59 -7.88
CA ASN C 217 17.59 46.91 -8.62
C ASN C 217 18.43 47.93 -7.84
N THR C 218 18.76 47.56 -6.61
CA THR C 218 19.61 48.36 -5.74
C THR C 218 20.83 47.52 -5.35
N LYS C 219 22.02 48.03 -5.66
CA LYS C 219 23.26 47.44 -5.21
C LYS C 219 24.00 48.46 -4.35
N VAL C 220 24.58 47.98 -3.25
CA VAL C 220 25.21 48.84 -2.27
C VAL C 220 26.53 48.21 -1.84
N ASP C 221 27.50 49.07 -1.55
CA ASP C 221 28.80 48.62 -1.02
C ASP C 221 29.17 49.56 0.12
N LYS C 222 28.95 49.10 1.35
CA LYS C 222 29.18 49.90 2.55
C LYS C 222 30.46 49.43 3.22
N ARG C 223 31.43 50.33 3.34
CA ARG C 223 32.67 50.00 4.03
C ARG C 223 32.46 50.07 5.53
N VAL C 224 32.97 49.06 6.23
CA VAL C 224 32.83 48.94 7.67
C VAL C 224 34.23 49.05 8.28
N GLU C 225 34.45 50.10 9.07
CA GLU C 225 35.74 50.39 9.67
C GLU C 225 35.56 50.64 11.15
N PRO C 226 36.62 50.47 11.94
CA PRO C 226 36.50 50.62 13.40
C PRO C 226 36.07 52.02 13.80
N LYS C 227 35.75 52.16 15.08
CA LYS C 227 35.36 53.45 15.65
C LYS C 227 34.23 54.10 14.87
N ASP D 1 -10.05 12.37 9.55
CA ASP D 1 -8.79 13.14 9.27
C ASP D 1 -7.66 12.62 10.15
N ILE D 2 -6.73 11.87 9.55
CA ILE D 2 -5.71 11.15 10.29
C ILE D 2 -4.56 12.09 10.61
N GLN D 3 -4.16 12.12 11.87
CA GLN D 3 -3.04 12.95 12.32
C GLN D 3 -1.80 12.07 12.50
N MET D 4 -0.67 12.57 12.02
CA MET D 4 0.61 11.87 12.09
C MET D 4 1.51 12.59 13.07
N THR D 5 1.99 11.86 14.08
CA THR D 5 2.82 12.44 15.14
C THR D 5 4.21 11.81 15.06
N GLN D 6 5.20 12.64 14.77
CA GLN D 6 6.57 12.20 14.59
C GLN D 6 7.38 12.47 15.86
N SER D 7 8.19 11.50 16.27
CA SER D 7 9.04 11.61 17.44
C SER D 7 10.44 11.12 17.12
N PRO D 8 11.49 11.81 17.61
CA PRO D 8 11.44 13.11 18.30
C PRO D 8 11.45 14.25 17.30
N SER D 9 11.19 15.48 17.76
CA SER D 9 11.17 16.60 16.82
C SER D 9 12.57 16.93 16.32
N SER D 10 13.60 16.64 17.12
CA SER D 10 14.98 16.88 16.73
C SER D 10 15.84 15.78 17.33
N LEU D 11 17.01 15.56 16.74
CA LEU D 11 17.84 14.44 17.12
C LEU D 11 19.24 14.65 16.57
N SER D 12 20.24 14.36 17.40
CA SER D 12 21.64 14.57 17.06
C SER D 12 22.36 13.24 17.00
N ALA D 13 23.24 13.09 16.00
CA ALA D 13 23.98 11.85 15.81
C ALA D 13 25.20 12.14 14.95
N SER D 14 26.10 11.15 14.88
CA SER D 14 27.36 11.30 14.19
C SER D 14 27.41 10.35 12.99
N VAL D 15 28.33 10.64 12.06
CA VAL D 15 28.53 9.78 10.91
C VAL D 15 28.82 8.37 11.38
N GLY D 16 28.07 7.40 10.85
CA GLY D 16 28.23 6.00 11.19
C GLY D 16 27.28 5.50 12.24
N ASP D 17 26.56 6.38 12.93
CA ASP D 17 25.62 5.96 13.96
C ASP D 17 24.41 5.29 13.33
N ARG D 18 23.70 4.51 14.14
CA ARG D 18 22.42 3.92 13.76
C ARG D 18 21.31 4.78 14.33
N VAL D 19 20.52 5.39 13.46
CA VAL D 19 19.47 6.33 13.85
C VAL D 19 18.12 5.73 13.45
N THR D 20 17.10 5.99 14.27
CA THR D 20 15.75 5.55 13.94
C THR D 20 14.75 6.62 14.35
N ILE D 21 13.83 6.93 13.43
CA ILE D 21 12.77 7.90 13.65
C ILE D 21 11.47 7.12 13.84
N THR D 22 10.51 7.76 14.51
CA THR D 22 9.21 7.18 14.75
C THR D 22 8.11 8.05 14.15
N CYS D 23 7.00 7.41 13.81
CA CYS D 23 5.82 8.07 13.28
C CYS D 23 4.63 7.27 13.81
N ARG D 24 3.61 7.97 14.31
CA ARG D 24 2.43 7.33 14.86
C ARG D 24 1.17 7.95 14.29
N ALA D 25 0.23 7.09 13.90
CA ALA D 25 -1.01 7.51 13.27
C ALA D 25 -2.15 7.51 14.27
N SER D 26 -2.99 8.55 14.23
CA SER D 26 -4.12 8.65 15.14
C SER D 26 -5.10 7.50 14.95
N GLN D 27 -5.07 6.83 13.80
CA GLN D 27 -5.85 5.62 13.60
C GLN D 27 -5.09 4.74 12.61
N GLY D 28 -5.54 3.49 12.50
CA GLY D 28 -4.79 2.50 11.75
C GLY D 28 -4.75 2.83 10.26
N ILE D 29 -3.56 2.76 9.68
CA ILE D 29 -3.36 2.99 8.25
C ILE D 29 -2.73 1.76 7.57
N SER D 30 -2.81 0.60 8.22
CA SER D 30 -2.31 -0.66 7.64
C SER D 30 -0.82 -0.47 7.36
N THR D 31 -0.34 -0.70 6.15
CA THR D 31 1.08 -0.58 5.82
C THR D 31 1.36 0.57 4.86
N TYR D 32 0.42 1.50 4.71
CA TYR D 32 0.50 2.50 3.65
C TYR D 32 1.06 3.81 4.21
N LEU D 33 2.37 3.81 4.43
CA LEU D 33 3.08 4.97 4.93
C LEU D 33 4.30 5.24 4.07
N ALA D 34 4.59 6.51 3.81
CA ALA D 34 5.76 6.94 3.05
C ALA D 34 6.64 7.83 3.91
N TRP D 35 7.94 7.83 3.59
CA TRP D 35 8.92 8.67 4.24
C TRP D 35 9.61 9.55 3.20
N TYR D 36 9.78 10.83 3.51
CA TYR D 36 10.45 11.78 2.64
C TYR D 36 11.63 12.42 3.36
N GLN D 37 12.61 12.85 2.58
CA GLN D 37 13.75 13.60 3.06
C GLN D 37 13.72 14.99 2.43
N GLN D 38 13.90 16.03 3.25
CA GLN D 38 13.94 17.40 2.75
C GLN D 38 15.14 18.12 3.32
N LYS D 39 15.91 18.75 2.44
CA LYS D 39 17.03 19.59 2.82
C LYS D 39 16.69 21.06 2.57
N PRO D 40 17.23 21.98 3.37
CA PRO D 40 16.80 23.38 3.29
C PRO D 40 16.88 23.92 1.86
N GLY D 41 15.79 24.54 1.42
CA GLY D 41 15.75 25.17 0.13
C GLY D 41 15.53 24.24 -1.04
N LYS D 42 15.12 22.99 -0.80
CA LYS D 42 14.94 22.02 -1.86
C LYS D 42 13.68 21.23 -1.62
N ALA D 43 13.18 20.60 -2.69
CA ALA D 43 11.93 19.88 -2.61
C ALA D 43 12.10 18.56 -1.86
N PRO D 44 11.03 18.05 -1.26
CA PRO D 44 11.10 16.73 -0.63
C PRO D 44 11.54 15.66 -1.61
N LYS D 45 12.16 14.61 -1.07
CA LYS D 45 12.59 13.44 -1.85
C LYS D 45 12.00 12.19 -1.22
N LEU D 46 11.35 11.37 -2.04
CA LEU D 46 10.74 10.14 -1.54
C LEU D 46 11.82 9.10 -1.26
N LEU D 47 11.71 8.45 -0.09
CA LEU D 47 12.64 7.40 0.31
C LEU D 47 11.96 6.04 0.37
N ILE D 48 10.86 5.93 1.11
CA ILE D 48 10.18 4.66 1.35
C ILE D 48 8.69 4.86 1.15
N TYR D 49 8.05 3.82 0.62
CA TYR D 49 6.60 3.79 0.50
C TYR D 49 6.09 2.42 0.92
N LYS D 50 4.80 2.36 1.20
CA LYS D 50 4.16 1.16 1.76
C LYS D 50 4.94 0.64 2.97
N ALA D 51 5.49 1.58 3.75
CA ALA D 51 6.10 1.29 5.05
C ALA D 51 7.49 0.67 4.92
N TYR D 52 7.72 -0.18 3.92
CA TYR D 52 9.00 -0.88 3.84
C TYR D 52 9.62 -0.95 2.45
N LEU D 53 8.99 -0.39 1.42
CA LEU D 53 9.51 -0.48 0.07
C LEU D 53 10.39 0.73 -0.24
N LEU D 54 11.59 0.48 -0.74
CA LEU D 54 12.53 1.54 -1.05
C LEU D 54 12.34 2.01 -2.50
N GLN D 55 12.19 3.32 -2.67
CA GLN D 55 12.17 3.89 -4.00
C GLN D 55 13.48 3.60 -4.73
N ASN D 56 13.39 3.47 -6.06
CA ASN D 56 14.57 3.23 -6.87
C ASN D 56 15.63 4.29 -6.60
N GLY D 57 16.88 3.84 -6.43
CA GLY D 57 17.99 4.72 -6.23
C GLY D 57 18.33 5.02 -4.78
N VAL D 58 17.38 4.85 -3.87
CA VAL D 58 17.64 5.14 -2.45
C VAL D 58 18.68 4.16 -1.92
N PRO D 59 19.75 4.63 -1.26
CA PRO D 59 20.75 3.69 -0.75
C PRO D 59 20.15 2.71 0.25
N SER D 60 20.77 1.54 0.35
CA SER D 60 20.24 0.44 1.15
C SER D 60 20.32 0.69 2.65
N ARG D 61 21.05 1.71 3.11
CA ARG D 61 21.10 1.98 4.54
C ARG D 61 19.76 2.47 5.08
N PHE D 62 18.81 2.82 4.22
CA PHE D 62 17.48 3.24 4.64
C PHE D 62 16.55 2.04 4.68
N SER D 63 15.81 1.91 5.78
CA SER D 63 14.85 0.83 5.92
C SER D 63 13.66 1.35 6.70
N GLY D 64 12.50 0.78 6.44
CA GLY D 64 11.28 1.17 7.11
C GLY D 64 10.54 -0.05 7.61
N GLY D 65 9.75 0.16 8.66
CA GLY D 65 8.98 -0.92 9.24
C GLY D 65 7.75 -0.40 9.94
N GLY D 66 6.89 -1.32 10.31
CA GLY D 66 5.70 -1.02 11.09
C GLY D 66 4.43 -1.26 10.31
N SER D 67 3.34 -1.42 11.05
CA SER D 67 2.02 -1.57 10.46
C SER D 67 0.97 -1.21 11.50
N GLY D 68 -0.19 -0.77 11.03
CA GLY D 68 -1.24 -0.33 11.93
C GLY D 68 -1.12 1.14 12.27
N THR D 69 -0.44 1.46 13.36
CA THR D 69 -0.31 2.84 13.81
C THR D 69 1.11 3.26 14.14
N ASP D 70 2.02 2.33 14.41
CA ASP D 70 3.39 2.65 14.83
C ASP D 70 4.35 2.26 13.71
N PHE D 71 5.13 3.23 13.23
CA PHE D 71 6.07 3.01 12.15
C PHE D 71 7.41 3.62 12.50
N THR D 72 8.47 3.11 11.88
CA THR D 72 9.81 3.60 12.13
C THR D 72 10.59 3.67 10.82
N LEU D 73 11.51 4.62 10.77
CA LEU D 73 12.50 4.75 9.71
C LEU D 73 13.87 4.61 10.35
N THR D 74 14.73 3.79 9.75
CA THR D 74 16.05 3.53 10.30
C THR D 74 17.11 3.78 9.24
N ILE D 75 18.17 4.47 9.64
CA ILE D 75 19.37 4.64 8.82
C ILE D 75 20.49 3.88 9.52
N SER D 76 21.02 2.85 8.85
CA SER D 76 21.90 1.91 9.54
C SER D 76 23.23 2.56 9.90
N SER D 77 23.82 3.33 8.98
CA SER D 77 25.10 4.00 9.22
C SER D 77 25.03 5.39 8.58
N LEU D 78 24.79 6.40 9.41
CA LEU D 78 24.60 7.76 8.92
C LEU D 78 25.78 8.22 8.08
N GLN D 79 25.49 8.88 6.97
CA GLN D 79 26.47 9.48 6.10
C GLN D 79 26.31 10.99 6.10
N PRO D 80 27.32 11.74 5.65
CA PRO D 80 27.19 13.21 5.63
C PRO D 80 25.94 13.72 4.93
N GLU D 81 25.60 13.12 3.78
CA GLU D 81 24.46 13.56 3.01
C GLU D 81 23.12 13.29 3.69
N ASP D 82 23.11 12.52 4.78
CA ASP D 82 21.86 12.11 5.42
C ASP D 82 21.36 13.09 6.46
N PHE D 83 22.12 14.14 6.77
CA PHE D 83 21.67 15.13 7.76
C PHE D 83 20.65 16.04 7.08
N ALA D 84 19.40 15.94 7.51
CA ALA D 84 18.29 16.67 6.90
C ALA D 84 17.08 16.46 7.79
N THR D 85 15.91 16.93 7.32
CA THR D 85 14.64 16.69 7.98
C THR D 85 13.89 15.57 7.25
N TYR D 86 13.12 14.80 8.01
CA TYR D 86 12.41 13.64 7.50
C TYR D 86 10.94 13.72 7.87
N TYR D 87 10.08 13.50 6.89
CA TYR D 87 8.63 13.54 7.08
C TYR D 87 8.02 12.18 6.76
N CYS D 88 7.03 11.78 7.53
CA CYS D 88 6.19 10.63 7.17
C CYS D 88 4.88 11.12 6.57
N GLN D 89 4.20 10.23 5.86
CA GLN D 89 2.93 10.57 5.21
C GLN D 89 2.11 9.30 5.02
N GLN D 90 0.89 9.30 5.56
CA GLN D 90 -0.07 8.24 5.26
C GLN D 90 -0.63 8.49 3.86
N HIS D 91 -0.67 7.45 3.03
CA HIS D 91 -1.01 7.62 1.64
C HIS D 91 -2.11 6.66 1.21
N ASN D 92 -3.08 6.41 2.10
CA ASN D 92 -4.26 5.66 1.70
C ASN D 92 -5.56 6.26 2.23
N ASN D 93 -5.52 7.47 2.79
CA ASN D 93 -6.72 8.09 3.38
C ASN D 93 -6.83 9.53 2.91
N ASN D 94 -7.77 9.79 2.03
CA ASN D 94 -8.11 11.15 1.65
C ASN D 94 -8.85 11.81 2.80
N PRO D 95 -8.35 12.94 3.36
CA PRO D 95 -7.22 13.76 2.95
C PRO D 95 -5.87 13.28 3.45
N TYR D 96 -4.86 13.40 2.60
CA TYR D 96 -3.52 12.88 2.89
C TYR D 96 -2.76 13.86 3.75
N THR D 97 -2.08 13.32 4.77
CA THR D 97 -1.48 14.14 5.81
C THR D 97 -0.05 13.71 6.07
N PHE D 98 0.78 14.68 6.46
CA PHE D 98 2.19 14.48 6.76
C PHE D 98 2.42 14.61 8.26
N GLY D 99 3.47 13.95 8.74
CA GLY D 99 4.01 14.28 10.04
C GLY D 99 4.67 15.65 10.01
N GLN D 100 4.87 16.21 11.21
CA GLN D 100 5.40 17.57 11.31
C GLN D 100 6.92 17.62 11.25
N GLY D 101 7.59 16.49 11.06
CA GLY D 101 9.00 16.52 10.74
C GLY D 101 9.87 16.07 11.90
N THR D 102 11.03 15.52 11.55
CA THR D 102 12.06 15.17 12.51
C THR D 102 13.40 15.60 11.93
N LYS D 103 14.07 16.54 12.61
CA LYS D 103 15.33 17.07 12.11
C LYS D 103 16.50 16.28 12.67
N VAL D 104 17.43 15.90 11.79
CA VAL D 104 18.61 15.12 12.14
C VAL D 104 19.81 16.01 11.91
N GLU D 105 20.44 16.48 12.99
CA GLU D 105 21.58 17.36 12.90
C GLU D 105 22.83 16.69 13.48
N ILE D 106 23.99 17.27 13.16
CA ILE D 106 25.26 16.67 13.55
C ILE D 106 25.49 16.87 15.04
N LYS D 107 26.25 15.95 15.63
CA LYS D 107 26.58 15.99 17.04
C LYS D 107 28.01 16.51 17.23
N ARG D 108 28.24 17.17 18.36
CA ARG D 108 29.56 17.68 18.68
C ARG D 108 29.62 17.93 20.17
N THR D 109 30.82 18.26 20.65
CA THR D 109 31.00 18.66 22.04
C THR D 109 30.33 20.01 22.29
N VAL D 110 29.71 20.14 23.47
CA VAL D 110 29.06 21.40 23.82
C VAL D 110 30.07 22.54 23.70
N ALA D 111 29.61 23.66 23.18
CA ALA D 111 30.45 24.83 22.97
C ALA D 111 29.65 26.07 23.33
N ALA D 112 30.19 26.89 24.25
CA ALA D 112 29.48 28.07 24.67
C ALA D 112 29.60 29.17 23.62
N PRO D 113 28.64 30.09 23.57
CA PRO D 113 28.66 31.13 22.54
C PRO D 113 29.61 32.28 22.88
N SER D 114 30.27 32.80 21.85
CA SER D 114 30.98 34.06 21.95
C SER D 114 29.98 35.19 21.77
N VAL D 115 29.80 36.01 22.80
CA VAL D 115 28.79 37.06 22.81
C VAL D 115 29.45 38.37 22.40
N PHE D 116 28.88 39.02 21.38
CA PHE D 116 29.31 40.32 20.94
C PHE D 116 28.09 41.23 20.88
N ILE D 117 28.34 42.54 20.93
CA ILE D 117 27.27 43.53 20.89
C ILE D 117 27.71 44.72 20.05
N PHE D 118 26.79 45.24 19.26
CA PHE D 118 27.07 46.37 18.37
C PHE D 118 26.08 47.49 18.66
N PRO D 119 26.53 48.66 19.11
CA PRO D 119 25.61 49.80 19.23
C PRO D 119 25.12 50.24 17.86
N PRO D 120 24.02 50.98 17.79
CA PRO D 120 23.55 51.47 16.49
C PRO D 120 24.53 52.46 15.89
N SER D 121 24.74 52.33 14.58
CA SER D 121 25.61 53.25 13.87
C SER D 121 25.04 54.66 13.91
N ASP D 122 25.92 55.65 13.73
CA ASP D 122 25.46 57.03 13.70
C ASP D 122 24.66 57.33 12.44
N GLU D 123 24.93 56.62 11.34
CA GLU D 123 24.11 56.78 10.15
C GLU D 123 22.66 56.45 10.45
N GLN D 124 22.42 55.34 11.13
CA GLN D 124 21.04 54.93 11.41
C GLN D 124 20.38 55.90 12.37
N LEU D 125 21.10 56.36 13.39
CA LEU D 125 20.56 57.35 14.31
C LEU D 125 20.14 58.61 13.56
N LYS D 126 20.95 59.04 12.58
CA LYS D 126 20.58 60.18 11.75
C LYS D 126 19.28 59.95 11.01
N SER D 127 18.86 58.69 10.85
CA SER D 127 17.67 58.37 10.06
C SER D 127 16.40 58.28 10.89
N GLY D 128 16.51 58.15 12.21
CA GLY D 128 15.36 58.19 13.10
C GLY D 128 15.09 56.94 13.91
N THR D 129 15.83 55.85 13.69
CA THR D 129 15.64 54.62 14.47
C THR D 129 17.00 54.10 14.94
N ALA D 130 16.96 53.20 15.90
CA ALA D 130 18.15 52.62 16.50
C ALA D 130 17.99 51.11 16.57
N SER D 131 19.00 50.39 16.08
CA SER D 131 19.03 48.94 16.13
C SER D 131 20.26 48.50 16.90
N VAL D 132 20.04 47.84 18.03
CA VAL D 132 21.11 47.23 18.82
C VAL D 132 21.16 45.75 18.45
N VAL D 133 22.34 45.28 18.03
CA VAL D 133 22.52 43.91 17.59
C VAL D 133 23.36 43.16 18.61
N CYS D 134 22.87 42.02 19.07
CA CYS D 134 23.60 41.09 19.92
C CYS D 134 23.87 39.83 19.13
N LEU D 135 25.13 39.38 19.15
CA LEU D 135 25.58 38.28 18.30
C LEU D 135 26.12 37.16 19.16
N LEU D 136 25.57 35.96 18.97
CA LEU D 136 26.05 34.74 19.60
C LEU D 136 26.67 33.87 18.51
N ASN D 137 27.96 33.57 18.63
CA ASN D 137 28.71 32.97 17.55
C ASN D 137 29.22 31.58 17.93
N ASN D 138 28.90 30.60 17.08
CA ASN D 138 29.52 29.28 17.09
C ASN D 138 29.31 28.57 18.44
N PHE D 139 28.05 28.25 18.71
CA PHE D 139 27.69 27.52 19.92
C PHE D 139 26.97 26.22 19.57
N TYR D 140 26.79 25.38 20.59
CA TYR D 140 26.08 24.11 20.50
C TYR D 140 25.77 23.64 21.92
N PRO D 141 24.55 23.16 22.20
CA PRO D 141 23.42 22.95 21.29
C PRO D 141 22.78 24.26 20.83
N ARG D 142 21.74 24.16 20.02
CA ARG D 142 21.15 25.35 19.42
C ARG D 142 20.29 26.13 20.41
N GLU D 143 19.74 25.47 21.43
CA GLU D 143 18.90 26.17 22.40
C GLU D 143 19.68 27.31 23.06
N ALA D 144 19.06 28.49 23.10
CA ALA D 144 19.69 29.65 23.71
C ALA D 144 18.62 30.66 24.08
N LYS D 145 18.85 31.37 25.18
CA LYS D 145 17.96 32.42 25.65
C LYS D 145 18.70 33.74 25.66
N VAL D 146 18.10 34.75 25.04
CA VAL D 146 18.71 36.07 24.90
C VAL D 146 17.70 37.10 25.40
N GLN D 147 18.03 37.77 26.50
CA GLN D 147 17.16 38.78 27.09
C GLN D 147 17.85 40.14 27.05
N TRP D 148 17.11 41.16 26.69
CA TRP D 148 17.61 42.52 26.64
C TRP D 148 17.26 43.26 27.93
N LYS D 149 18.17 44.14 28.35
CA LYS D 149 17.99 44.95 29.54
C LYS D 149 18.44 46.36 29.24
N VAL D 150 17.53 47.31 29.39
CA VAL D 150 17.83 48.73 29.21
C VAL D 150 17.82 49.36 30.60
N ASP D 151 19.01 49.73 31.09
CA ASP D 151 19.17 50.22 32.45
C ASP D 151 18.58 49.23 33.45
N ASN D 152 18.93 47.95 33.25
CA ASN D 152 18.46 46.86 34.10
C ASN D 152 16.93 46.81 34.14
N ALA D 153 16.31 47.07 32.99
CA ALA D 153 14.87 46.95 32.80
C ALA D 153 14.61 45.95 31.70
N LEU D 154 14.05 44.79 32.06
CA LEU D 154 13.82 43.73 31.08
C LEU D 154 12.89 44.22 29.97
N GLN D 155 13.28 43.96 28.72
CA GLN D 155 12.50 44.36 27.56
C GLN D 155 11.72 43.18 27.01
N SER D 156 10.54 43.47 26.45
CA SER D 156 9.67 42.42 25.93
C SER D 156 8.91 42.95 24.73
N GLY D 157 8.99 42.23 23.62
CA GLY D 157 8.20 42.53 22.45
C GLY D 157 8.80 43.51 21.47
N ASN D 158 10.07 43.88 21.63
CA ASN D 158 10.73 44.82 20.73
C ASN D 158 12.07 44.28 20.25
N SER D 159 12.19 42.96 20.12
CA SER D 159 13.42 42.35 19.61
C SER D 159 13.04 41.12 18.78
N GLN D 160 13.92 40.79 17.84
CA GLN D 160 13.73 39.63 16.96
C GLN D 160 15.02 38.85 16.84
N GLU D 161 14.89 37.54 16.68
CA GLU D 161 16.03 36.64 16.62
C GLU D 161 16.10 35.97 15.26
N SER D 162 17.30 35.55 14.89
CA SER D 162 17.52 34.79 13.66
C SER D 162 18.66 33.82 13.90
N VAL D 163 18.49 32.58 13.48
CA VAL D 163 19.47 31.51 13.69
C VAL D 163 19.94 31.01 12.34
N THR D 164 21.24 30.73 12.24
CA THR D 164 21.78 30.11 11.05
C THR D 164 21.48 28.61 11.06
N GLU D 165 21.61 28.00 9.89
CA GLU D 165 21.64 26.54 9.82
C GLU D 165 22.96 26.04 10.39
N GLN D 166 22.91 24.85 10.99
CA GLN D 166 24.12 24.26 11.54
C GLN D 166 25.23 24.27 10.50
N ASP D 167 26.41 24.72 10.90
CA ASP D 167 27.52 24.84 9.97
C ASP D 167 28.01 23.45 9.56
N SER D 168 28.56 23.38 8.35
CA SER D 168 28.95 22.09 7.78
C SER D 168 30.26 21.59 8.39
N LYS D 169 31.24 22.48 8.59
CA LYS D 169 32.58 22.05 8.99
C LYS D 169 32.72 21.87 10.49
N ASP D 170 32.37 22.89 11.28
CA ASP D 170 32.52 22.81 12.73
C ASP D 170 31.22 22.49 13.45
N SER D 171 30.09 22.47 12.75
CA SER D 171 28.84 21.95 13.28
C SER D 171 28.25 22.81 14.40
N THR D 172 28.52 24.11 14.39
CA THR D 172 27.97 25.01 15.38
C THR D 172 26.82 25.83 14.78
N TYR D 173 26.18 26.62 15.65
CA TYR D 173 25.14 27.55 15.26
C TYR D 173 25.60 28.97 15.60
N SER D 174 24.95 29.95 14.97
CA SER D 174 25.07 31.35 15.36
C SER D 174 23.67 31.96 15.40
N LEU D 175 23.51 32.96 16.26
CA LEU D 175 22.21 33.60 16.45
C LEU D 175 22.41 35.09 16.60
N SER D 176 21.52 35.86 15.99
CA SER D 176 21.50 37.30 16.12
C SER D 176 20.22 37.74 16.84
N SER D 177 20.37 38.67 17.77
CA SER D 177 19.24 39.29 18.45
C SER D 177 19.31 40.79 18.20
N THR D 178 18.21 41.37 17.72
CA THR D 178 18.16 42.76 17.34
C THR D 178 17.09 43.47 18.13
N LEU D 179 17.49 44.45 18.93
CA LEU D 179 16.58 45.32 19.66
C LEU D 179 16.38 46.61 18.86
N THR D 180 15.12 46.96 18.63
CA THR D 180 14.78 48.12 17.81
C THR D 180 13.98 49.12 18.64
N LEU D 181 14.40 50.38 18.61
CA LEU D 181 13.77 51.44 19.37
C LEU D 181 13.79 52.73 18.55
N SER D 182 12.99 53.70 18.99
CA SER D 182 13.07 55.04 18.43
C SER D 182 14.44 55.64 18.74
N LYS D 183 14.82 56.65 17.94
CA LYS D 183 15.97 57.47 18.34
C LYS D 183 15.67 58.19 19.65
N ALA D 184 14.41 58.56 19.86
CA ALA D 184 14.02 59.23 21.09
C ALA D 184 14.25 58.34 22.30
N ASP D 185 13.53 57.22 22.37
CA ASP D 185 13.68 56.33 23.51
C ASP D 185 15.10 55.80 23.65
N TYR D 186 15.86 55.75 22.56
CA TYR D 186 17.24 55.28 22.67
C TYR D 186 18.11 56.27 23.41
N GLU D 187 17.84 57.57 23.25
CA GLU D 187 18.59 58.62 23.93
C GLU D 187 18.05 58.95 25.31
N LYS D 188 16.98 58.28 25.74
CA LYS D 188 16.45 58.45 27.09
C LYS D 188 17.09 57.51 28.11
N HIS D 189 17.92 56.56 27.66
CA HIS D 189 18.52 55.58 28.56
C HIS D 189 19.99 55.43 28.21
N LYS D 190 20.74 54.84 29.14
CA LYS D 190 22.20 54.83 29.09
C LYS D 190 22.78 53.44 28.89
N VAL D 191 22.36 52.45 29.67
CA VAL D 191 22.95 51.12 29.64
C VAL D 191 22.07 50.21 28.80
N TYR D 192 22.66 49.56 27.81
CA TYR D 192 22.00 48.55 26.98
C TYR D 192 22.78 47.25 27.11
N ALA D 193 22.09 46.20 27.54
CA ALA D 193 22.74 44.96 27.94
C ALA D 193 22.06 43.76 27.29
N CYS D 194 22.87 42.79 26.89
CA CYS D 194 22.42 41.54 26.28
C CYS D 194 22.79 40.39 27.22
N GLU D 195 21.78 39.70 27.73
CA GLU D 195 21.98 38.61 28.68
C GLU D 195 21.70 37.29 27.97
N VAL D 196 22.68 36.38 28.03
CA VAL D 196 22.64 35.13 27.28
C VAL D 196 22.65 33.97 28.26
N THR D 197 21.72 33.02 28.08
CA THR D 197 21.71 31.77 28.81
C THR D 197 21.88 30.62 27.83
N HIS D 198 22.62 29.60 28.24
CA HIS D 198 23.00 28.52 27.33
C HIS D 198 23.65 27.41 28.13
N GLN D 199 23.57 26.19 27.60
CA GLN D 199 24.00 25.02 28.37
C GLN D 199 25.49 25.07 28.68
N GLY D 200 26.30 25.55 27.74
CA GLY D 200 27.73 25.62 27.93
C GLY D 200 28.17 26.73 28.88
N LEU D 201 27.22 27.40 29.52
CA LEU D 201 27.50 28.47 30.46
C LEU D 201 26.87 28.11 31.81
N SER D 202 27.70 28.08 32.86
CA SER D 202 27.20 27.73 34.19
C SER D 202 26.32 28.83 34.76
N SER D 203 26.58 30.08 34.42
CA SER D 203 25.79 31.22 34.84
C SER D 203 25.61 32.13 33.63
N PRO D 204 24.47 32.82 33.54
CA PRO D 204 24.24 33.67 32.36
C PRO D 204 25.32 34.72 32.20
N VAL D 205 25.73 34.94 30.95
CA VAL D 205 26.73 35.94 30.59
C VAL D 205 26.03 37.19 30.09
N THR D 206 26.65 38.35 30.32
CA THR D 206 26.11 39.63 29.90
C THR D 206 27.16 40.41 29.13
N LYS D 207 26.73 41.03 28.03
CA LYS D 207 27.53 41.99 27.29
C LYS D 207 26.78 43.31 27.22
N SER D 208 27.44 44.39 27.65
CA SER D 208 26.78 45.67 27.83
C SER D 208 27.65 46.78 27.28
N PHE D 209 27.01 47.89 26.92
CA PHE D 209 27.71 49.10 26.52
C PHE D 209 26.94 50.31 27.06
N ASN D 210 27.66 51.40 27.28
CA ASN D 210 27.07 52.67 27.69
C ASN D 210 26.87 53.52 26.45
N ARG D 211 25.70 54.13 26.31
CA ARG D 211 25.41 54.96 25.15
C ARG D 211 26.43 56.09 25.05
N GLY D 212 27.02 56.23 23.87
CA GLY D 212 27.94 57.32 23.61
C GLY D 212 29.29 57.19 24.29
N GLU D 213 29.91 56.02 24.19
CA GLU D 213 31.24 55.80 24.74
C GLU D 213 32.00 54.79 23.91
C1 NAG E . -7.55 14.88 -25.50
C2 NAG E . -6.69 15.85 -26.29
C3 NAG E . -6.38 17.09 -25.45
C4 NAG E . -7.67 17.71 -24.91
C5 NAG E . -8.50 16.65 -24.20
C6 NAG E . -9.85 17.15 -23.75
C7 NAG E . -5.08 15.12 -28.00
C8 NAG E . -3.78 14.42 -28.25
N2 NAG E . -5.45 15.22 -26.72
O3 NAG E . -5.68 18.04 -26.24
O4 NAG E . -7.37 18.76 -24.01
O5 NAG E . -8.74 15.54 -25.08
O6 NAG E . -10.51 17.85 -24.80
O7 NAG E . -5.77 15.56 -28.91
C1 NAG E . -7.88 20.05 -24.36
C2 NAG E . -7.90 20.85 -23.06
C3 NAG E . -8.38 22.26 -23.34
C4 NAG E . -7.47 22.89 -24.37
C5 NAG E . -7.44 22.02 -25.62
C6 NAG E . -6.48 22.61 -26.65
C7 NAG E . -8.26 19.56 -21.04
C8 NAG E . -9.27 19.02 -20.06
N2 NAG E . -8.76 20.21 -22.08
O3 NAG E . -8.33 23.01 -22.12
O4 NAG E . -8.02 24.15 -24.75
O5 NAG E . -7.03 20.70 -25.30
O6 NAG E . -6.37 21.73 -27.77
O7 NAG E . -7.07 19.40 -20.87
C1 BMA E . -7.27 25.23 -24.16
C2 BMA E . -7.46 26.46 -25.03
C3 BMA E . -6.69 27.64 -24.44
C4 BMA E . -7.24 27.85 -23.03
C5 BMA E . -7.07 26.58 -22.22
C6 BMA E . -7.66 26.76 -20.83
O2 BMA E . -8.86 26.78 -25.11
O3 BMA E . -6.96 28.81 -25.21
O4 BMA E . -6.53 28.93 -22.41
O5 BMA E . -7.77 25.53 -22.86
O6 BMA E . -9.01 27.23 -20.98
C1 MAN E . -9.53 27.56 -19.69
C2 MAN E . -10.96 28.06 -19.84
C3 MAN E . -10.96 29.36 -20.65
C4 MAN E . -10.10 30.37 -19.92
C5 MAN E . -8.70 29.78 -19.77
C6 MAN E . -7.79 30.75 -19.03
O2 MAN E . -11.53 28.31 -18.55
O3 MAN E . -12.29 29.86 -20.74
O4 MAN E . -10.03 31.57 -20.68
O5 MAN E . -8.78 28.57 -19.03
O6 MAN E . -8.29 30.90 -17.69
C1 MAN E . -12.74 29.77 -22.11
C2 MAN E . -13.96 30.66 -22.28
C3 MAN E . -15.07 30.16 -21.37
C4 MAN E . -15.38 28.71 -21.76
C5 MAN E . -14.11 27.90 -21.60
C6 MAN E . -14.35 26.44 -21.95
O2 MAN E . -14.39 30.61 -23.64
O3 MAN E . -16.24 30.96 -21.53
O4 MAN E . -16.38 28.19 -20.88
O5 MAN E . -13.10 28.43 -22.45
O6 MAN E . -14.83 26.34 -23.30
C1 MAN E . -7.87 32.18 -17.17
C2 MAN E . -8.17 32.21 -15.68
C3 MAN E . -9.67 32.07 -15.47
C4 MAN E . -10.35 33.23 -16.19
C5 MAN E . -9.98 33.15 -17.66
C6 MAN E . -10.65 34.28 -18.44
O2 MAN E . -7.71 33.45 -15.13
O3 MAN E . -9.97 32.12 -14.06
O4 MAN E . -11.77 33.11 -16.05
O5 MAN E . -8.57 33.26 -17.80
O6 MAN E . -10.26 35.54 -17.90
C1 MAN E . -6.01 28.97 -26.28
C2 MAN E . -6.14 30.37 -26.85
C3 MAN E . -7.50 30.51 -27.52
C4 MAN E . -7.59 29.47 -28.63
C5 MAN E . -7.39 28.10 -28.00
C6 MAN E . -7.49 26.99 -29.04
O2 MAN E . -5.11 30.60 -27.81
O3 MAN E . -7.63 31.83 -28.08
O4 MAN E . -8.87 29.54 -29.25
O5 MAN E . -6.12 28.04 -27.36
O6 MAN E . -7.44 25.72 -28.39
C1 NAG F . -20.03 -4.12 -12.94
C2 NAG F . -20.41 -3.42 -11.64
C3 NAG F . -21.71 -2.66 -11.82
C4 NAG F . -21.61 -1.71 -13.01
C5 NAG F . -21.13 -2.45 -14.24
C6 NAG F . -20.84 -1.51 -15.41
C7 NAG F . -19.66 -4.36 -9.50
C8 NAG F . -19.90 -5.42 -8.46
N2 NAG F . -20.50 -4.37 -10.54
O3 NAG F . -22.00 -1.93 -10.64
O4 NAG F . -22.89 -1.14 -13.27
O5 NAG F . -19.91 -3.15 -13.97
O6 NAG F . -20.64 -2.23 -16.62
O7 NAG F . -18.75 -3.55 -9.40
C1 NAG F . -23.39 0.00 -12.70
C2 NAG F . -24.51 0.63 -13.52
C3 NAG F . -24.98 1.92 -12.86
C4 NAG F . -25.37 1.66 -11.40
C5 NAG F . -24.21 0.97 -10.68
C6 NAG F . -24.57 0.56 -9.27
C7 NAG F . -24.33 0.05 -15.90
C8 NAG F . -23.81 0.47 -17.24
N2 NAG F . -24.08 0.89 -14.89
O3 NAG F . -26.11 2.43 -13.57
O4 NAG F . -25.68 2.88 -10.76
O5 NAG F . -23.84 -0.22 -11.37
O6 NAG F . -25.14 -0.74 -9.23
O7 NAG F . -24.93 -1.01 -15.74
C1 NAG G . 0.06 -0.31 -26.65
C2 NAG G . 0.33 0.58 -27.85
C3 NAG G . 1.56 0.06 -28.54
C4 NAG G . 2.71 0.00 -27.56
C5 NAG G . 2.32 -0.87 -26.38
C6 NAG G . 3.42 -0.96 -25.33
C7 NAG G . -1.48 1.56 -29.15
C8 NAG G . -2.48 1.33 -30.23
N2 NAG G . -0.77 0.51 -28.78
O3 NAG G . 1.92 0.99 -29.56
O4 NAG G . 3.76 -0.67 -28.23
O5 NAG G . 1.15 -0.36 -25.77
O6 NAG G . 3.76 0.37 -24.93
O7 NAG G . -1.33 2.65 -28.64
C1 NAG G . 4.92 0.13 -28.10
C2 NAG G . 6.14 -0.68 -28.51
C3 NAG G . 7.36 0.19 -28.36
C4 NAG G . 7.20 1.46 -29.18
C5 NAG G . 5.93 2.19 -28.74
C6 NAG G . 5.62 3.38 -29.63
C7 NAG G . 5.79 -2.99 -27.93
C8 NAG G . 5.87 -4.03 -26.86
N2 NAG G . 6.27 -1.80 -27.61
O3 NAG G . 8.48 -0.53 -28.89
O4 NAG G . 8.33 2.25 -28.80
O5 NAG G . 4.82 1.32 -28.87
O6 NAG G . 5.47 2.92 -30.97
O7 NAG G . 5.32 -3.22 -29.03
C1 BMA G . 8.71 3.14 -29.84
C2 BMA G . 9.25 4.40 -29.16
C3 BMA G . 9.58 5.42 -30.22
C4 BMA G . 10.61 4.81 -31.15
C5 BMA G . 10.03 3.54 -31.76
C6 BMA G . 11.02 2.90 -32.72
O2 BMA G . 10.42 4.04 -28.41
O3 BMA G . 10.11 6.61 -29.61
O4 BMA G . 10.92 5.74 -32.20
O5 BMA G . 9.71 2.62 -30.71
O6 BMA G . 12.28 2.72 -32.07
C1 NAG H . -0.13 -27.06 -25.72
C2 NAG H . -1.04 -28.27 -25.52
C3 NAG H . -0.37 -29.53 -26.06
C4 NAG H . 0.09 -29.33 -27.50
C5 NAG H . 0.96 -28.08 -27.60
C6 NAG H . 1.35 -27.74 -29.03
C7 NAG H . -2.61 -28.41 -23.64
C8 NAG H . -2.76 -28.62 -22.16
N2 NAG H . -1.36 -28.44 -24.12
O3 NAG H . -1.30 -30.62 -26.00
O4 NAG H . 0.85 -30.45 -27.92
O5 NAG H . 0.23 -26.95 -27.10
O6 NAG H . 0.20 -27.68 -29.87
O7 NAG H . -3.58 -28.22 -24.38
C1 NAG H . 0.28 -31.16 -28.95
C2 NAG H . 1.48 -31.94 -29.47
C3 NAG H . 1.13 -32.64 -30.77
C4 NAG H . -0.12 -33.48 -30.62
C5 NAG H . -1.25 -32.65 -30.00
C6 NAG H . -2.47 -33.47 -29.66
C7 NAG H . 3.70 -31.10 -28.83
C8 NAG H . 4.80 -30.14 -29.15
N2 NAG H . 2.63 -31.07 -29.63
O3 NAG H . 2.23 -33.46 -31.15
O4 NAG H . -0.54 -33.95 -31.90
O5 NAG H . -0.82 -32.05 -28.79
O6 NAG H . -3.30 -33.66 -30.80
O7 NAG H . 3.78 -31.89 -27.88
C1 BMA H . -0.61 -35.32 -32.00
C2 BMA H . -1.52 -35.42 -33.21
C3 BMA H . -1.82 -36.89 -33.51
C4 BMA H . -0.52 -37.72 -33.57
C5 BMA H . 0.31 -37.49 -32.29
C6 BMA H . 1.65 -38.21 -32.32
O2 BMA H . -0.88 -34.89 -34.36
O3 BMA H . -2.56 -37.04 -34.71
O4 BMA H . -0.83 -39.10 -33.70
O5 BMA H . 0.56 -36.08 -32.17
O6 BMA H . 2.43 -37.69 -33.39
C1 MAN H . -3.93 -37.06 -34.82
C2 MAN H . -4.28 -37.60 -36.22
C3 MAN H . -3.96 -36.54 -37.27
C4 MAN H . -4.57 -35.18 -36.90
C5 MAN H . -4.09 -34.76 -35.50
C6 MAN H . -4.69 -33.46 -35.02
O2 MAN H . -5.69 -37.85 -36.35
O3 MAN H . -4.40 -36.93 -38.57
O4 MAN H . -4.18 -34.19 -37.84
O5 MAN H . -4.47 -35.79 -34.56
O6 MAN H . -6.02 -33.35 -35.53
C1 MAN H . -6.16 -38.95 -35.65
C2 MAN H . -6.87 -39.64 -36.82
C3 MAN H . -8.15 -38.88 -37.19
C4 MAN H . -9.01 -38.64 -35.95
C5 MAN H . -8.19 -37.93 -34.86
C6 MAN H . -8.97 -37.73 -33.57
O2 MAN H . -7.30 -40.95 -36.48
O3 MAN H . -8.89 -39.55 -38.19
O4 MAN H . -10.14 -37.85 -36.29
O5 MAN H . -7.02 -38.70 -34.56
O6 MAN H . -8.06 -37.79 -32.48
C1 MAN H . 3.47 -38.40 -33.93
C2 MAN H . 4.07 -37.55 -35.07
C3 MAN H . 3.17 -37.60 -36.29
C4 MAN H . 2.85 -39.05 -36.67
C5 MAN H . 2.22 -39.78 -35.47
C6 MAN H . 1.95 -41.25 -35.73
O2 MAN H . 5.34 -38.08 -35.49
O3 MAN H . 3.75 -36.90 -37.40
O4 MAN H . 1.93 -39.07 -37.75
O5 MAN H . 3.14 -39.70 -34.35
O6 MAN H . 1.30 -41.80 -34.60
C1 MAN H . 3.31 -35.61 -37.26
C2 MAN H . 2.21 -35.24 -38.28
C3 MAN H . 2.84 -35.02 -39.65
C4 MAN H . 4.00 -34.01 -39.56
C5 MAN H . 5.03 -34.47 -38.51
C6 MAN H . 6.12 -33.45 -38.28
O2 MAN H . 1.60 -33.99 -37.94
O3 MAN H . 1.88 -34.59 -40.61
O4 MAN H . 4.63 -33.87 -40.83
O5 MAN H . 4.37 -34.69 -37.25
O6 MAN H . 5.53 -32.24 -37.83
C1 NAG I . -7.52 -10.19 1.45
C2 NAG I . -8.82 -9.47 1.83
C3 NAG I . -8.59 -8.48 2.97
C4 NAG I . -7.89 -9.15 4.14
C5 NAG I . -6.60 -9.79 3.65
C6 NAG I . -5.87 -10.54 4.74
C7 NAG I . -10.59 -9.03 0.18
C8 NAG I . -11.00 -8.19 -1.00
N2 NAG I . -9.37 -8.77 0.68
O3 NAG I . -9.86 -7.97 3.38
O4 NAG I . -7.58 -8.19 5.14
O5 NAG I . -6.91 -10.75 2.63
O6 NAG I . -6.70 -11.53 5.34
O7 NAG I . -11.31 -9.91 0.64
C1 NAG I . -8.52 -7.85 6.14
C2 NAG I . -7.70 -7.43 7.33
C3 NAG I . -8.57 -6.91 8.46
C4 NAG I . -9.48 -5.82 7.94
C5 NAG I . -10.19 -6.25 6.67
C6 NAG I . -10.97 -5.07 6.10
C7 NAG I . -5.55 -8.48 7.61
C8 NAG I . -4.80 -9.66 8.11
N2 NAG I . -6.86 -8.51 7.81
O3 NAG I . -7.71 -6.33 9.46
O4 NAG I . -10.48 -5.58 8.93
O5 NAG I . -9.26 -6.71 5.71
O6 NAG I . -11.91 -5.55 5.15
O7 NAG I . -5.02 -7.56 7.05
C1 BMA I . -10.23 -4.33 9.57
C2 BMA I . -11.56 -3.68 9.88
C3 BMA I . -11.35 -2.34 10.56
C4 BMA I . -10.50 -2.54 11.80
C5 BMA I . -9.22 -3.27 11.42
C6 BMA I . -8.39 -3.54 12.67
O2 BMA I . -12.31 -4.55 10.73
O3 BMA I . -12.64 -1.83 10.93
O4 BMA I . -10.17 -1.27 12.35
O5 BMA I . -9.51 -4.51 10.80
O6 BMA I . -7.25 -4.31 12.31
C1 MAN I . -6.72 -4.86 13.52
C2 MAN I . -5.33 -5.41 13.29
C3 MAN I . -5.37 -6.55 12.28
C4 MAN I . -6.41 -7.57 12.70
C5 MAN I . -7.75 -6.90 13.01
C6 MAN I . -8.76 -7.90 13.56
O2 MAN I . -4.84 -5.91 14.53
O3 MAN I . -4.07 -7.15 12.26
O4 MAN I . -6.58 -8.54 11.67
O5 MAN I . -7.55 -5.91 14.00
O6 MAN I . -8.02 -9.00 14.07
C1 MAN I . -3.57 -7.20 10.91
C2 MAN I . -2.19 -7.83 10.94
C3 MAN I . -1.21 -6.92 11.67
C4 MAN I . -1.24 -5.52 11.08
C5 MAN I . -2.65 -4.99 10.98
C6 MAN I . -2.65 -3.66 10.24
O2 MAN I . -1.73 -8.05 9.60
O3 MAN I . 0.10 -7.47 11.59
O4 MAN I . -0.50 -4.65 11.94
O5 MAN I . -3.49 -5.92 10.29
O6 MAN I . -3.93 -3.03 10.37
C1 MAN I . -8.31 -9.23 15.46
C2 MAN I . -6.99 -9.40 16.18
C3 MAN I . -6.26 -10.61 15.63
C4 MAN I . -7.15 -11.82 15.84
C5 MAN I . -8.48 -11.58 15.13
C6 MAN I . -9.40 -12.77 15.35
O2 MAN I . -7.23 -9.59 17.58
O3 MAN I . -5.04 -10.80 16.35
O4 MAN I . -6.50 -12.94 15.22
O5 MAN I . -9.09 -10.41 15.68
O6 MAN I . -10.58 -12.62 14.56
C1 MAN I . -12.97 -0.70 10.11
C2 MAN I . -14.45 -0.42 10.19
C3 MAN I . -15.24 -1.51 9.49
C4 MAN I . -14.78 -1.55 8.05
C5 MAN I . -13.28 -1.83 8.01
C6 MAN I . -12.77 -1.89 6.57
O2 MAN I . -14.68 0.80 9.49
O3 MAN I . -16.64 -1.19 9.52
O4 MAN I . -15.48 -2.58 7.33
O5 MAN I . -12.58 -0.81 8.73
O6 MAN I . -13.29 -0.80 5.82
C1 NAG J . 8.70 -5.27 6.31
C2 NAG J . 7.95 -5.87 7.49
C3 NAG J . 8.28 -5.10 8.76
C4 NAG J . 9.78 -5.05 8.98
C5 NAG J . 10.48 -4.51 7.74
C6 NAG J . 11.98 -4.56 7.83
C7 NAG J . 5.80 -7.02 7.18
C8 NAG J . 4.33 -6.87 6.94
N2 NAG J . 6.51 -5.89 7.26
O3 NAG J . 7.64 -5.72 9.87
O4 NAG J . 10.09 -4.23 10.09
O5 NAG J . 10.11 -5.27 6.57
O6 NAG J . 12.59 -4.17 6.60
O7 NAG J . 6.33 -8.13 7.28
C1 NAG J . 9.65 -4.48 11.37
C2 NAG J . 10.58 -4.28 12.57
C3 NAG J . 10.03 -5.01 13.79
C4 NAG J . 8.59 -4.58 14.06
C5 NAG J . 7.74 -4.77 12.80
C6 NAG J . 6.34 -4.26 12.96
C7 NAG J . 12.81 -3.99 11.59
C8 NAG J . 14.16 -4.62 11.37
N2 NAG J . 11.93 -4.74 12.26
O3 NAG J . 10.85 -4.73 14.91
O4 NAG J . 8.05 -5.36 15.11
O5 NAG J . 8.33 -4.05 11.71
O6 NAG J . 5.49 -4.75 11.92
O7 NAG J . 12.54 -2.87 11.20
C1 BMA J . 8.04 -4.56 16.32
C2 BMA J . 7.04 -5.13 17.31
C3 BMA J . 7.04 -4.26 18.56
C4 BMA J . 8.46 -4.27 19.13
C5 BMA J . 9.41 -3.73 18.07
C6 BMA J . 10.86 -3.72 18.54
O2 BMA J . 7.42 -6.46 17.65
O3 BMA J . 6.20 -4.88 19.53
O4 BMA J . 8.48 -3.39 20.26
O5 BMA J . 9.33 -4.57 16.92
O6 BMA J . 11.48 -4.99 18.27
C1 MAN J . 12.90 -4.89 18.49
C2 MAN J . 13.51 -3.71 17.73
C3 MAN J . 13.66 -4.07 16.25
C4 MAN J . 14.42 -5.40 16.11
C5 MAN J . 13.70 -6.49 16.90
C6 MAN J . 14.44 -7.81 16.85
O2 MAN J . 14.83 -3.41 18.19
O3 MAN J . 14.32 -3.04 15.53
O4 MAN J . 14.49 -5.77 14.74
O5 MAN J . 13.59 -6.09 18.27
O6 MAN J . 15.74 -7.59 17.40
C1 MAN J . 13.92 -1.78 15.93
C2 MAN J . 13.47 -1.24 14.57
C3 MAN J . 14.61 -1.35 13.53
C4 MAN J . 15.92 -0.79 14.10
C5 MAN J . 16.26 -1.51 15.41
C6 MAN J . 17.54 -1.01 16.04
O2 MAN J . 13.17 0.15 14.64
O3 MAN J . 14.29 -0.71 12.32
O4 MAN J . 16.96 -0.99 13.17
O5 MAN J . 15.17 -1.29 16.34
O6 MAN J . 17.68 0.37 15.74
C1 MAN J . 16.22 -8.74 17.98
C2 MAN J . 17.61 -8.39 18.55
C3 MAN J . 18.58 -8.07 17.41
C4 MAN J . 18.55 -9.17 16.34
C5 MAN J . 17.12 -9.36 15.84
C6 MAN J . 16.99 -10.48 14.81
O2 MAN J . 18.17 -9.50 19.25
O3 MAN J . 19.91 -7.88 17.88
O4 MAN J . 19.40 -8.81 15.25
O5 MAN J . 16.26 -9.69 16.95
O6 MAN J . 15.67 -10.45 14.27
C1 MAN J . 5.11 -4.02 19.86
C2 MAN J . 4.44 -4.58 21.11
C3 MAN J . 3.91 -5.97 20.81
C4 MAN J . 2.93 -5.84 19.64
C5 MAN J . 3.66 -5.23 18.45
C6 MAN J . 2.68 -5.07 17.29
O2 MAN J . 3.36 -3.71 21.49
O3 MAN J . 3.21 -6.47 21.94
O4 MAN J . 2.46 -7.15 19.30
O5 MAN J . 4.15 -3.96 18.82
O6 MAN J . 3.23 -4.16 16.32
C1 NAG K . 13.07 -9.99 -18.84
C2 NAG K . 13.80 -8.66 -18.64
C3 NAG K . 15.04 -8.84 -17.78
C4 NAG K . 14.69 -9.56 -16.49
C5 NAG K . 13.97 -10.87 -16.80
C6 NAG K . 13.50 -11.58 -15.56
C7 NAG K . 13.47 -7.10 -20.51
C8 NAG K . 13.97 -6.66 -21.85
N2 NAG K . 14.16 -8.09 -19.94
O3 NAG K . 15.58 -7.55 -17.48
O4 NAG K . 15.89 -9.84 -15.76
O5 NAG K . 12.80 -10.59 -17.57
O6 NAG K . 12.68 -10.72 -14.77
O7 NAG K . 12.50 -6.58 -19.97
C1 NAG K . 15.90 -9.08 -14.62
C2 NAG K . 16.93 -9.67 -13.65
C3 NAG K . 17.02 -8.82 -12.39
C4 NAG K . 17.27 -7.36 -12.76
C5 NAG K . 16.24 -6.88 -13.77
C6 NAG K . 16.53 -5.48 -14.28
C7 NAG K . 17.18 -12.10 -13.87
C8 NAG K . 16.70 -13.44 -13.41
N2 NAG K . 16.59 -11.04 -13.30
O3 NAG K . 18.07 -9.32 -11.57
O4 NAG K . 17.17 -6.55 -11.59
O5 NAG K . 16.24 -7.74 -14.91
O6 NAG K . 17.70 -5.45 -15.07
O7 NAG K . 18.05 -11.99 -14.73
C1 BMA K . 18.35 -5.96 -11.19
C2 BMA K . 17.99 -4.73 -10.38
C3 BMA K . 19.25 -4.20 -9.70
C4 BMA K . 19.91 -5.32 -8.88
C5 BMA K . 20.20 -6.53 -9.79
C6 BMA K . 20.77 -7.72 -9.03
O2 BMA K . 17.07 -5.07 -9.34
O3 BMA K . 18.98 -3.09 -8.87
O4 BMA K . 21.13 -4.85 -8.30
O5 BMA K . 18.98 -6.95 -10.40
O6 BMA K . 20.77 -7.42 -7.63
C1 MAN K . 19.20 -1.84 -9.40
C2 MAN K . 20.34 -1.12 -8.68
C3 MAN K . 19.88 -0.76 -7.27
C4 MAN K . 18.60 0.08 -7.35
C5 MAN K . 17.51 -0.72 -8.09
C6 MAN K . 16.24 0.09 -8.31
O2 MAN K . 20.66 0.12 -9.33
O3 MAN K . 20.88 -0.08 -6.53
O4 MAN K . 18.14 0.40 -6.04
O5 MAN K . 18.01 -1.10 -9.39
O6 MAN K . 15.43 -0.61 -9.25
C1 MAN K . 21.89 0.70 -9.35
C2 MAN K . 21.74 2.08 -8.69
C3 MAN K . 21.07 3.05 -9.67
C4 MAN K . 21.82 3.05 -11.00
C5 MAN K . 21.90 1.62 -11.57
C6 MAN K . 22.73 1.54 -12.84
O2 MAN K . 23.00 2.65 -8.37
O3 MAN K . 20.99 4.36 -9.14
O4 MAN K . 21.12 3.88 -11.93
O5 MAN K . 22.54 0.77 -10.60
O6 MAN K . 23.95 2.24 -12.64
C1 MAN K . 19.84 -8.12 -6.90
C2 MAN K . 19.43 -7.30 -5.66
C3 MAN K . 20.53 -7.37 -4.62
C4 MAN K . 20.87 -8.84 -4.32
C5 MAN K . 21.25 -9.58 -5.61
C6 MAN K . 21.47 -11.08 -5.40
O2 MAN K . 18.25 -7.83 -5.05
O3 MAN K . 20.17 -6.70 -3.42
O4 MAN K . 21.95 -8.89 -3.39
O5 MAN K . 20.19 -9.44 -6.57
O6 MAN K . 21.98 -11.63 -6.60
C1 NAG L . 8.62 -21.37 1.97
C2 NAG L . 9.30 -22.62 2.52
C3 NAG L . 10.79 -22.35 2.79
C4 NAG L . 11.46 -21.74 1.57
C5 NAG L . 10.69 -20.52 1.10
C6 NAG L . 11.22 -19.91 -0.17
C7 NAG L . 7.93 -24.21 3.79
C8 NAG L . 7.34 -24.54 5.14
N2 NAG L . 8.65 -23.08 3.73
O3 NAG L . 11.41 -23.57 3.14
O4 NAG L . 12.79 -21.33 1.89
O5 NAG L . 9.33 -20.88 0.83
O6 NAG L . 10.48 -18.75 -0.53
O7 NAG L . 7.76 -24.94 2.82
C1 NAG L . 13.70 -22.34 1.74
C2 NAG L . 14.90 -21.69 1.06
C3 NAG L . 16.16 -22.53 1.23
C4 NAG L . 16.37 -22.87 2.70
C5 NAG L . 15.12 -23.47 3.31
C6 NAG L . 15.23 -23.72 4.79
C7 NAG L . 14.63 -20.27 -0.94
C8 NAG L . 14.33 -20.24 -2.41
N2 NAG L . 14.63 -21.48 -0.36
O3 NAG L . 17.28 -21.83 0.72
O4 NAG L . 17.44 -23.79 2.84
O5 NAG L . 14.01 -22.58 3.11
O6 NAG L . 13.95 -23.91 5.39
O7 NAG L . 14.86 -19.25 -0.30
C1 BMA L . 18.42 -23.23 3.63
C2 BMA L . 19.03 -24.59 3.99
C3 BMA L . 20.12 -24.40 5.05
C4 BMA L . 21.10 -23.28 4.66
C5 BMA L . 20.30 -21.99 4.36
C6 BMA L . 21.17 -20.81 3.97
O2 BMA L . 19.65 -25.17 2.86
O3 BMA L . 20.83 -25.61 5.29
O4 BMA L . 22.01 -23.04 5.71
O5 BMA L . 19.39 -22.27 3.29
O6 BMA L . 21.80 -21.09 2.73
C1 MAN L . 20.43 -26.39 6.35
C2 MAN L . 21.57 -27.41 6.40
C3 MAN L . 21.46 -28.34 5.20
C4 MAN L . 20.06 -28.97 5.13
C5 MAN L . 18.99 -27.87 5.10
C6 MAN L . 17.57 -28.42 5.19
O2 MAN L . 21.48 -28.23 7.56
O3 MAN L . 22.46 -29.37 5.24
O4 MAN L . 19.94 -29.76 3.97
O5 MAN L . 19.17 -26.99 6.25
O6 MAN L . 16.86 -28.00 4.03
C1 MAN L . 22.07 -27.96 8.77
C2 MAN L . 21.84 -29.15 9.72
C3 MAN L . 20.44 -29.09 10.31
C4 MAN L . 20.14 -27.70 10.90
C5 MAN L . 20.39 -26.62 9.85
C6 MAN L . 20.22 -25.20 10.40
O2 MAN L . 22.74 -29.10 10.83
O3 MAN L . 20.25 -30.11 11.30
O4 MAN L . 18.79 -27.65 11.33
O5 MAN L . 21.75 -26.72 9.36
O6 MAN L . 20.90 -24.30 9.54
C1 MAN L . 22.79 -20.36 2.12
C2 MAN L . 23.54 -21.11 0.98
C3 MAN L . 24.50 -22.15 1.55
C4 MAN L . 25.36 -21.56 2.68
C5 MAN L . 24.46 -20.95 3.75
C6 MAN L . 25.22 -20.33 4.90
O2 MAN L . 24.35 -20.20 0.22
O3 MAN L . 25.33 -22.70 0.54
O4 MAN L . 26.15 -22.59 3.26
O5 MAN L . 23.65 -19.92 3.14
O6 MAN L . 24.29 -19.99 5.93
C1 NAG M . -0.84 -21.90 5.12
C2 NAG M . -1.92 -21.63 6.15
C3 NAG M . -1.57 -22.33 7.47
C4 NAG M . -1.28 -23.80 7.24
C5 NAG M . -0.23 -23.97 6.15
C6 NAG M . 0.00 -25.41 5.77
C7 NAG M . -3.13 -19.52 5.86
C8 NAG M . -3.16 -18.05 6.17
N2 NAG M . -2.10 -20.21 6.37
O3 NAG M . -2.66 -22.17 8.38
O4 NAG M . -0.81 -24.39 8.44
O5 NAG M . -0.65 -23.30 4.96
O6 NAG M . -1.12 -25.96 5.10
O7 NAG M . -4.00 -20.06 5.18
C1 NAG M . -1.73 -25.17 9.10
C2 NAG M . -0.82 -26.08 9.93
C3 NAG M . -1.63 -26.82 10.99
C4 NAG M . -2.42 -25.83 11.83
C5 NAG M . -3.26 -24.93 10.92
C6 NAG M . -3.99 -23.84 11.68
C7 NAG M . 1.18 -26.94 8.78
C8 NAG M . 1.73 -28.00 7.87
N2 NAG M . -0.13 -27.03 9.06
O3 NAG M . -0.74 -27.57 11.82
O4 NAG M . -3.29 -26.53 12.71
O5 NAG M . -2.40 -24.27 9.97
O6 NAG M . -3.24 -22.63 11.69
O7 NAG M . 1.88 -26.04 9.24
C1 BMA M . -2.98 -26.23 14.01
C2 BMA M . -4.27 -26.28 14.85
C3 BMA M . -3.96 -25.82 16.27
C4 BMA M . -2.75 -26.57 16.85
C5 BMA M . -1.56 -26.42 15.91
C6 BMA M . -0.33 -27.18 16.40
O2 BMA M . -4.74 -27.62 14.94
O3 BMA M . -5.10 -25.97 17.12
O4 BMA M . -2.43 -26.06 18.13
O5 BMA M . -1.92 -26.94 14.62
O6 BMA M . -0.68 -28.54 16.55
C1 MAN M . -5.54 -24.80 17.65
C2 MAN M . -6.93 -25.03 18.27
C3 MAN M . -7.99 -25.06 17.17
C4 MAN M . -7.87 -23.82 16.27
C5 MAN M . -6.45 -23.69 15.71
C6 MAN M . -6.23 -22.43 14.91
O2 MAN M . -7.30 -23.94 19.13
O3 MAN M . -9.31 -25.16 17.70
O4 MAN M . -8.79 -23.90 15.20
O5 MAN M . -5.50 -23.68 16.81
O6 MAN M . -4.83 -22.26 14.71
C1 MAN M . -0.12 -29.21 17.62
C2 MAN M . 0.29 -30.62 17.15
C3 MAN M . -0.92 -31.55 17.17
C4 MAN M . -1.65 -31.48 18.52
C5 MAN M . -2.03 -30.03 18.83
C6 MAN M . -2.68 -29.88 20.20
O2 MAN M . 1.24 -31.20 18.03
O3 MAN M . -0.55 -32.89 16.88
O4 MAN M . -2.83 -32.27 18.46
O5 MAN M . -0.82 -29.23 18.84
O6 MAN M . -1.71 -30.17 21.18
C1 NAG N . 14.90 -18.61 -22.88
C2 NAG N . 16.28 -18.29 -22.29
C3 NAG N . 16.95 -17.19 -23.13
C4 NAG N . 16.99 -17.59 -24.59
C5 NAG N . 15.59 -17.95 -25.08
C6 NAG N . 15.58 -18.47 -26.50
C7 NAG N . 16.82 -18.46 -19.91
C8 NAG N . 16.59 -17.92 -18.54
N2 NAG N . 16.16 -17.86 -20.90
O3 NAG N . 18.27 -16.98 -22.64
O4 NAG N . 17.50 -16.51 -25.38
O5 NAG N . 15.04 -18.99 -24.25
O6 NAG N . 14.32 -19.05 -26.82
O7 NAG N . 17.56 -19.43 -20.10
C1 NAG O . 8.10 -33.18 -26.87
C2 NAG O . 8.65 -33.23 -28.30
C3 NAG O . 9.38 -34.55 -28.53
C4 NAG O . 10.45 -34.75 -27.47
C5 NAG O . 9.83 -34.64 -26.07
C6 NAG O . 10.85 -34.72 -24.96
C7 NAG O . 6.49 -33.79 -29.31
C8 NAG O . 5.51 -33.47 -30.41
N2 NAG O . 7.60 -33.05 -29.28
O3 NAG O . 9.98 -34.54 -29.82
O4 NAG O . 11.05 -36.03 -27.61
O5 NAG O . 9.16 -33.38 -25.93
O6 NAG O . 11.60 -33.51 -24.85
O7 NAG O . 6.27 -34.68 -28.50
#